data_2JJ4
#
_entry.id   2JJ4
#
_cell.length_a   106.901
_cell.length_b   149.539
_cell.length_c   162.205
_cell.angle_alpha   90.00
_cell.angle_beta   90.00
_cell.angle_gamma   90.00
#
_symmetry.space_group_name_H-M   'C 2 2 21'
#
loop_
_entity.id
_entity.type
_entity.pdbx_description
1 polymer 'ACETYLGLUTAMATE KINASE'
2 polymer 'NITROGEN REGULATORY PROTEIN P-II'
3 non-polymer N-ACETYL-L-GLUTAMATE
#
loop_
_entity_poly.entity_id
_entity_poly.type
_entity_poly.pdbx_seq_one_letter_code
_entity_poly.pdbx_strand_id
1 'polypeptide(L)'
;MGSSHHHHHHSSGLVPRGSHMSSEFIEAGAADRVRILSEALPYLQQFAGRTVVVKYGGAAMKQEELKEAVMRDIVFLACV
GMRPVVVHGGGPEINAWLGRVGIEPQFHNGLRVTDADTMEVVEMVLVGRVNKDIVSRINTTGGRAVGFCGTDGRLVLARP
HDQEGIGFVGEVNSVNSEVIEPLLERGYIPVISSVAADENGQSFNINADTVAGEIAAALNAEKLILLTDTRGILEDPKRP
ESLIPRLNIPQSRELIAQGIVGGGMIPKVDCCIRSLAQGVRAAHIIDGRIPHALLLEIFTDAGIGTMIVGSGYHEAHQPW
Q
;
A,B,C
2 'polypeptide(L)'
;MKKIEAIIRPFKLDEVKIALVNAGIVGMTVSEVRGFGRQKGQTERYRGSEYTVEFLQKLKLEIVVEDAQVDTVIDKIVAA
ARTGEIGDGKIFVSPVDQTIRIRTGEKNADAI
;
D,E,F
#
loop_
_chem_comp.id
_chem_comp.type
_chem_comp.name
_chem_comp.formula
NLG non-polymer N-ACETYL-L-GLUTAMATE 'C7 H11 N O5'
#
# COMPACT_ATOMS: atom_id res chain seq x y z
N ALA A 28 -33.99 1.79 -18.75
CA ALA A 28 -34.47 0.56 -18.07
C ALA A 28 -33.66 0.27 -16.80
N GLY A 29 -33.38 1.32 -16.04
CA GLY A 29 -32.53 1.22 -14.86
C GLY A 29 -32.57 2.45 -13.97
N ALA A 30 -32.07 2.26 -12.76
CA ALA A 30 -32.64 2.87 -11.55
C ALA A 30 -31.78 3.96 -10.92
N ALA A 31 -30.59 3.57 -10.45
CA ALA A 31 -29.69 4.50 -9.77
C ALA A 31 -28.67 5.09 -10.73
N ASP A 32 -28.80 6.40 -10.92
CA ASP A 32 -27.82 7.18 -11.68
C ASP A 32 -26.79 7.87 -10.79
N ARG A 33 -26.06 7.06 -10.02
CA ARG A 33 -24.86 7.54 -9.35
C ARG A 33 -23.77 7.77 -10.40
N VAL A 34 -24.14 7.58 -11.67
CA VAL A 34 -23.18 7.66 -12.77
C VAL A 34 -23.09 9.07 -13.32
N ARG A 35 -24.24 9.64 -13.71
CA ARG A 35 -24.28 11.00 -14.26
C ARG A 35 -23.65 12.01 -13.28
N ILE A 36 -23.83 11.77 -11.99
CA ILE A 36 -23.27 12.62 -10.93
C ILE A 36 -21.75 12.47 -10.76
N LEU A 37 -21.26 11.23 -10.77
CA LEU A 37 -19.82 10.96 -10.64
C LEU A 37 -19.04 11.46 -11.84
N SER A 38 -19.67 11.40 -13.02
CA SER A 38 -19.07 11.97 -14.23
C SER A 38 -18.91 13.49 -14.06
N GLU A 39 -19.77 14.09 -13.22
CA GLU A 39 -19.73 15.52 -12.97
C GLU A 39 -18.64 15.91 -11.97
N ALA A 40 -18.07 14.92 -11.29
CA ALA A 40 -16.96 15.16 -10.36
C ALA A 40 -15.62 15.26 -11.07
N LEU A 41 -15.60 14.78 -12.32
CA LEU A 41 -14.38 14.68 -13.12
C LEU A 41 -13.51 15.95 -13.18
N PRO A 42 -14.11 17.13 -13.41
CA PRO A 42 -13.28 18.34 -13.46
C PRO A 42 -12.53 18.63 -12.15
N TYR A 43 -13.20 18.43 -11.02
CA TYR A 43 -12.57 18.63 -9.71
C TYR A 43 -11.52 17.55 -9.48
N LEU A 44 -11.85 16.31 -9.85
CA LEU A 44 -10.94 15.17 -9.73
C LEU A 44 -9.65 15.41 -10.49
N GLN A 45 -9.76 16.01 -11.67
CA GLN A 45 -8.61 16.39 -12.47
C GLN A 45 -7.90 17.58 -11.84
N GLN A 46 -8.68 18.49 -11.25
CA GLN A 46 -8.17 19.75 -10.75
C GLN A 46 -7.18 19.57 -9.59
N PHE A 47 -7.48 18.62 -8.71
CA PHE A 47 -6.63 18.34 -7.56
C PHE A 47 -5.99 16.95 -7.63
N ALA A 48 -5.77 16.46 -8.86
CA ALA A 48 -5.21 15.14 -9.07
C ALA A 48 -3.74 15.09 -8.66
N GLY A 49 -3.43 14.21 -7.71
CA GLY A 49 -2.07 14.06 -7.18
C GLY A 49 -1.65 15.09 -6.14
N ARG A 50 -2.53 16.02 -5.82
CA ARG A 50 -2.21 17.10 -4.89
C ARG A 50 -2.29 16.59 -3.44
N THR A 51 -1.64 17.32 -2.52
CA THR A 51 -1.58 16.97 -1.10
C THR A 51 -2.55 17.84 -0.30
N VAL A 52 -3.27 17.23 0.62
CA VAL A 52 -4.25 17.95 1.43
C VAL A 52 -4.11 17.66 2.92
N VAL A 53 -3.77 18.67 3.70
CA VAL A 53 -3.65 18.52 5.15
C VAL A 53 -4.92 18.99 5.83
N VAL A 54 -5.58 18.08 6.54
CA VAL A 54 -6.85 18.36 7.18
C VAL A 54 -6.71 18.36 8.70
N LYS A 55 -7.27 19.35 9.38
CA LYS A 55 -7.27 19.40 10.84
C LYS A 55 -8.59 18.85 11.37
N TYR A 56 -8.59 17.56 11.65
CA TYR A 56 -9.77 16.86 12.14
C TYR A 56 -9.98 17.18 13.63
N GLY A 57 -11.05 17.89 13.95
CA GLY A 57 -11.26 18.33 15.33
C GLY A 57 -12.64 18.81 15.78
N GLY A 58 -12.91 18.66 17.07
CA GLY A 58 -14.11 19.18 17.69
C GLY A 58 -15.42 18.58 17.20
N ALA A 59 -16.13 19.35 16.38
CA ALA A 59 -17.47 18.97 15.89
C ALA A 59 -17.48 17.65 15.13
N ALA A 60 -16.64 17.55 14.10
CA ALA A 60 -16.58 16.36 13.27
C ALA A 60 -15.88 15.21 13.99
N MET A 61 -15.41 15.47 15.20
CA MET A 61 -14.67 14.48 15.98
C MET A 61 -15.55 13.82 17.06
N LYS A 62 -16.45 14.60 17.66
CA LYS A 62 -17.34 14.10 18.72
C LYS A 62 -18.51 13.31 18.14
N GLN A 63 -19.22 13.92 17.19
CA GLN A 63 -20.42 13.31 16.62
C GLN A 63 -20.06 12.14 15.67
N GLU A 64 -20.55 10.96 16.03
CA GLU A 64 -20.29 9.75 15.25
C GLU A 64 -20.62 9.92 13.77
N GLU A 65 -21.87 10.30 13.47
CA GLU A 65 -22.34 10.45 12.10
C GLU A 65 -21.38 11.26 11.23
N LEU A 66 -20.70 12.21 11.87
CA LEU A 66 -19.73 13.08 11.21
C LEU A 66 -18.33 12.47 11.22
N LYS A 67 -17.92 11.96 12.38
CA LYS A 67 -16.64 11.30 12.55
C LYS A 67 -16.48 10.21 11.49
N GLU A 68 -17.51 9.38 11.36
CA GLU A 68 -17.53 8.29 10.39
C GLU A 68 -17.51 8.83 8.97
N ALA A 69 -18.13 9.98 8.75
CA ALA A 69 -18.17 10.63 7.44
C ALA A 69 -16.79 11.12 7.00
N VAL A 70 -16.03 11.71 7.93
CA VAL A 70 -14.69 12.24 7.65
C VAL A 70 -13.77 11.14 7.17
N MET A 71 -13.71 10.06 7.92
CA MET A 71 -12.88 8.90 7.56
C MET A 71 -13.14 8.48 6.12
N ARG A 72 -14.41 8.33 5.77
CA ARG A 72 -14.81 8.00 4.39
C ARG A 72 -14.30 9.03 3.39
N ASP A 73 -14.41 10.30 3.72
CA ASP A 73 -13.91 11.35 2.85
C ASP A 73 -12.41 11.21 2.67
N ILE A 74 -11.70 11.04 3.79
CA ILE A 74 -10.23 10.93 3.80
C ILE A 74 -9.78 9.76 2.94
N VAL A 75 -10.38 8.59 3.16
CA VAL A 75 -10.04 7.39 2.41
C VAL A 75 -10.41 7.54 0.93
N PHE A 76 -11.53 8.19 0.63
CA PHE A 76 -11.92 8.47 -0.75
C PHE A 76 -10.86 9.31 -1.48
N LEU A 77 -10.42 10.39 -0.82
CA LEU A 77 -9.38 11.26 -1.35
C LEU A 77 -8.12 10.46 -1.67
N ALA A 78 -7.67 9.69 -0.68
CA ALA A 78 -6.51 8.82 -0.83
C ALA A 78 -6.68 7.88 -2.00
N CYS A 79 -7.86 7.24 -2.07
CA CYS A 79 -8.15 6.26 -3.09
C CYS A 79 -8.03 6.83 -4.49
N VAL A 80 -8.59 8.03 -4.68
CA VAL A 80 -8.60 8.73 -5.96
C VAL A 80 -7.20 9.07 -6.47
N GLY A 81 -6.27 9.34 -5.56
CA GLY A 81 -4.89 9.62 -5.95
C GLY A 81 -4.37 10.92 -5.41
N MET A 82 -5.17 11.58 -4.57
CA MET A 82 -4.71 12.72 -3.82
C MET A 82 -3.98 12.23 -2.57
N ARG A 83 -3.26 13.11 -1.90
CA ARG A 83 -2.46 12.76 -0.72
C ARG A 83 -2.98 13.45 0.54
N PRO A 84 -3.87 12.77 1.28
CA PRO A 84 -4.46 13.37 2.48
C PRO A 84 -3.67 13.09 3.76
N VAL A 85 -3.52 14.12 4.58
CA VAL A 85 -2.82 13.99 5.85
C VAL A 85 -3.71 14.52 6.96
N VAL A 86 -4.00 13.68 7.94
CA VAL A 86 -4.82 14.11 9.07
C VAL A 86 -3.92 14.59 10.21
N VAL A 87 -4.19 15.80 10.68
CA VAL A 87 -3.57 16.33 11.89
C VAL A 87 -4.68 16.56 12.90
N HIS A 88 -4.46 16.13 14.14
CA HIS A 88 -5.52 16.18 15.12
C HIS A 88 -5.07 16.60 16.51
N GLY A 89 -6.01 17.13 17.27
CA GLY A 89 -5.83 17.41 18.69
C GLY A 89 -6.84 16.61 19.49
N GLY A 90 -7.59 17.30 20.34
CA GLY A 90 -8.64 16.65 21.13
C GLY A 90 -8.75 17.17 22.55
N GLY A 91 -8.94 18.47 22.68
CA GLY A 91 -9.11 19.12 23.99
C GLY A 91 -10.19 18.44 24.82
N PRO A 92 -11.44 18.42 24.30
CA PRO A 92 -12.57 17.75 24.96
C PRO A 92 -12.25 16.31 25.36
N GLU A 93 -11.52 15.60 24.50
CA GLU A 93 -11.10 14.24 24.77
C GLU A 93 -10.15 14.15 25.95
N ILE A 94 -9.23 15.11 26.06
CA ILE A 94 -8.30 15.17 27.17
C ILE A 94 -9.04 15.52 28.47
N ASN A 95 -9.93 16.51 28.39
CA ASN A 95 -10.76 16.94 29.52
C ASN A 95 -11.34 15.77 30.31
N ALA A 96 -11.84 14.77 29.58
CA ALA A 96 -12.40 13.56 30.17
C ALA A 96 -11.42 12.88 31.15
N TRP A 97 -10.28 12.44 30.62
CA TRP A 97 -9.32 11.65 31.41
C TRP A 97 -8.66 12.39 32.55
N LEU A 98 -8.48 13.71 32.41
CA LEU A 98 -7.98 14.54 33.49
C LEU A 98 -8.91 14.42 34.69
N GLY A 99 -10.21 14.58 34.43
CA GLY A 99 -11.22 14.44 35.45
C GLY A 99 -11.38 13.01 35.95
N ARG A 100 -10.43 12.15 35.58
CA ARG A 100 -10.45 10.76 36.04
C ARG A 100 -9.15 10.38 36.75
N VAL A 101 -8.26 11.36 36.89
CA VAL A 101 -7.06 11.23 37.71
C VAL A 101 -7.13 12.31 38.79
N GLY A 102 -8.22 13.08 38.76
CA GLY A 102 -8.46 14.11 39.76
C GLY A 102 -7.74 15.41 39.50
N ILE A 103 -7.60 15.76 38.22
CA ILE A 103 -6.99 17.03 37.83
C ILE A 103 -8.01 17.87 37.07
N GLU A 104 -7.94 19.19 37.26
CA GLU A 104 -8.96 20.10 36.74
C GLU A 104 -8.50 20.84 35.47
N PRO A 105 -9.36 20.85 34.44
CA PRO A 105 -9.08 21.55 33.19
C PRO A 105 -8.85 23.04 33.42
N GLN A 106 -7.84 23.56 32.72
CA GLN A 106 -7.26 24.85 33.02
C GLN A 106 -6.72 25.47 31.73
N PHE A 107 -7.46 26.45 31.19
CA PHE A 107 -7.09 27.10 29.93
C PHE A 107 -6.77 28.58 30.14
N HIS A 108 -5.70 29.02 29.48
CA HIS A 108 -5.27 30.42 29.59
C HIS A 108 -5.16 31.02 28.19
N ASN A 109 -6.21 31.74 27.79
CA ASN A 109 -6.30 32.42 26.49
C ASN A 109 -6.03 31.56 25.23
N GLY A 110 -6.79 30.47 25.10
CA GLY A 110 -6.67 29.59 23.94
C GLY A 110 -5.95 28.28 24.21
N LEU A 111 -4.75 28.39 24.77
CA LEU A 111 -3.91 27.22 25.06
C LEU A 111 -4.15 26.69 26.48
N ARG A 112 -4.01 25.38 26.66
CA ARG A 112 -4.25 24.73 27.95
C ARG A 112 -3.03 24.82 28.87
N VAL A 113 -3.25 25.33 30.08
CA VAL A 113 -2.20 25.42 31.10
C VAL A 113 -1.79 24.02 31.55
N THR A 114 -0.70 23.53 30.97
CA THR A 114 -0.30 22.13 31.19
C THR A 114 1.02 21.96 31.93
N ASP A 115 0.91 21.56 33.20
CA ASP A 115 2.08 21.23 34.01
C ASP A 115 2.62 19.85 33.65
N ALA A 116 3.64 19.41 34.38
CA ALA A 116 4.28 18.12 34.13
C ALA A 116 3.33 16.95 34.30
N ASP A 117 2.43 17.04 35.27
CA ASP A 117 1.46 15.99 35.52
C ASP A 117 0.34 15.93 34.47
N THR A 118 -0.15 17.10 34.06
CA THR A 118 -1.22 17.15 33.04
C THR A 118 -0.72 16.84 31.64
N MET A 119 0.56 17.14 31.39
CA MET A 119 1.20 16.83 30.10
C MET A 119 1.12 15.32 29.84
N GLU A 120 1.50 14.55 30.85
CA GLU A 120 1.52 13.09 30.79
C GLU A 120 0.20 12.51 30.29
N VAL A 121 -0.90 13.13 30.69
CA VAL A 121 -2.23 12.71 30.29
C VAL A 121 -2.49 13.11 28.83
N VAL A 122 -2.16 14.36 28.48
CA VAL A 122 -2.32 14.86 27.12
C VAL A 122 -1.72 13.88 26.14
N GLU A 123 -0.45 13.54 26.37
CA GLU A 123 0.32 12.61 25.57
C GLU A 123 -0.36 11.24 25.45
N MET A 124 -0.84 10.72 26.58
CA MET A 124 -1.50 9.42 26.63
C MET A 124 -2.81 9.41 25.86
N VAL A 125 -3.56 10.50 25.96
CA VAL A 125 -4.87 10.61 25.29
C VAL A 125 -4.69 10.82 23.78
N LEU A 126 -3.90 11.83 23.40
CA LEU A 126 -3.78 12.23 22.00
C LEU A 126 -3.04 11.21 21.17
N VAL A 127 -1.89 10.75 21.66
CA VAL A 127 -1.05 9.81 20.93
C VAL A 127 -1.61 8.39 21.06
N GLY A 128 -1.99 8.02 22.27
CA GLY A 128 -2.45 6.66 22.57
C GLY A 128 -3.88 6.37 22.18
N ARG A 129 -4.83 7.17 22.69
CA ARG A 129 -6.24 6.82 22.55
C ARG A 129 -6.90 7.40 21.30
N VAL A 130 -6.65 8.68 21.02
CA VAL A 130 -7.32 9.38 19.91
C VAL A 130 -6.70 9.01 18.55
N ASN A 131 -5.37 9.16 18.46
CA ASN A 131 -4.63 8.89 17.22
C ASN A 131 -4.92 7.50 16.67
N LYS A 132 -4.91 6.51 17.57
CA LYS A 132 -5.13 5.11 17.22
C LYS A 132 -6.62 4.77 17.04
N ASP A 133 -7.49 5.74 17.31
CA ASP A 133 -8.90 5.59 16.97
C ASP A 133 -9.09 5.99 15.51
N ILE A 134 -8.46 7.10 15.11
CA ILE A 134 -8.54 7.62 13.76
C ILE A 134 -7.90 6.65 12.79
N VAL A 135 -6.70 6.17 13.13
CA VAL A 135 -5.99 5.17 12.33
C VAL A 135 -6.83 3.90 12.19
N SER A 136 -7.34 3.42 13.33
CA SER A 136 -8.18 2.24 13.40
C SER A 136 -9.37 2.32 12.43
N ARG A 137 -10.07 3.45 12.46
CA ARG A 137 -11.24 3.68 11.60
C ARG A 137 -10.90 3.66 10.13
N ILE A 138 -9.87 4.42 9.75
CA ILE A 138 -9.42 4.51 8.37
C ILE A 138 -9.08 3.12 7.84
N ASN A 139 -8.32 2.37 8.63
CA ASN A 139 -7.92 1.02 8.27
C ASN A 139 -9.11 0.13 7.98
N THR A 140 -10.12 0.22 8.84
CA THR A 140 -11.34 -0.59 8.68
C THR A 140 -12.17 -0.07 7.51
N THR A 141 -12.03 1.23 7.21
CA THR A 141 -12.74 1.84 6.09
C THR A 141 -12.11 1.44 4.76
N GLY A 142 -10.87 0.95 4.82
CA GLY A 142 -10.18 0.45 3.63
C GLY A 142 -8.98 1.25 3.19
N GLY A 143 -8.58 2.23 4.01
CA GLY A 143 -7.32 2.92 3.78
C GLY A 143 -6.20 2.26 4.55
N ARG A 144 -4.99 2.74 4.36
CA ARG A 144 -3.88 2.30 5.19
C ARG A 144 -3.34 3.51 5.94
N ALA A 145 -3.86 3.70 7.16
CA ALA A 145 -3.43 4.82 7.97
C ALA A 145 -2.15 4.47 8.73
N VAL A 146 -1.27 5.45 8.88
CA VAL A 146 -0.12 5.30 9.74
C VAL A 146 -0.10 6.48 10.69
N GLY A 147 -0.19 6.18 11.99
CA GLY A 147 -0.29 7.21 13.02
C GLY A 147 1.04 7.69 13.55
N PHE A 148 1.13 9.01 13.73
CA PHE A 148 2.34 9.63 14.24
C PHE A 148 2.03 10.71 15.27
N CYS A 149 3.09 11.10 15.97
CA CYS A 149 3.13 12.34 16.73
C CYS A 149 4.45 13.00 16.41
N GLY A 150 4.57 14.28 16.73
CA GLY A 150 5.75 15.06 16.40
C GLY A 150 7.06 14.33 16.63
N THR A 151 7.16 13.65 17.77
CA THR A 151 8.42 13.06 18.20
C THR A 151 8.88 11.85 17.38
N ASP A 152 7.99 11.32 16.52
CA ASP A 152 8.30 10.18 15.64
C ASP A 152 9.24 10.56 14.50
N GLY A 153 10.48 10.08 14.58
CA GLY A 153 11.50 10.45 13.61
C GLY A 153 11.69 11.95 13.55
N ARG A 154 11.50 12.62 14.68
CA ARG A 154 11.56 14.07 14.79
C ARG A 154 10.71 14.80 13.73
N LEU A 155 9.57 14.21 13.37
CA LEU A 155 8.63 14.79 12.41
C LEU A 155 8.36 16.25 12.73
N VAL A 156 7.94 16.50 13.97
CA VAL A 156 7.85 17.84 14.50
C VAL A 156 8.77 17.92 15.72
N LEU A 157 9.58 18.98 15.77
CA LEU A 157 10.39 19.24 16.96
C LEU A 157 9.92 20.51 17.66
N ALA A 158 9.62 20.38 18.95
CA ALA A 158 9.00 21.44 19.73
C ALA A 158 10.00 22.33 20.48
N ARG A 159 9.59 23.58 20.71
CA ARG A 159 10.26 24.49 21.62
C ARG A 159 9.22 25.01 22.62
N PRO A 160 9.67 25.53 23.78
CA PRO A 160 8.68 26.10 24.70
C PRO A 160 7.98 27.28 24.05
N HIS A 161 6.65 27.30 24.10
CA HIS A 161 5.87 28.36 23.47
C HIS A 161 6.22 29.72 24.09
N ASP A 162 6.35 30.74 23.23
CA ASP A 162 6.69 32.10 23.65
C ASP A 162 5.98 32.54 24.93
N GLN A 163 4.68 32.19 25.02
CA GLN A 163 3.84 32.51 26.16
C GLN A 163 4.46 32.04 27.46
N GLU A 164 4.59 32.97 28.40
CA GLU A 164 5.19 32.69 29.70
C GLU A 164 4.22 31.96 30.62
N GLY A 165 4.76 31.03 31.41
CA GLY A 165 4.06 30.48 32.55
C GLY A 165 2.93 29.49 32.34
N ILE A 166 2.62 29.11 31.10
CA ILE A 166 1.55 28.11 30.88
C ILE A 166 2.09 26.68 30.77
N GLY A 167 3.23 26.45 31.39
CA GLY A 167 3.79 25.11 31.52
C GLY A 167 4.35 24.57 30.22
N PHE A 168 4.20 23.27 30.01
CA PHE A 168 4.78 22.59 28.86
C PHE A 168 3.95 22.72 27.57
N VAL A 169 3.55 23.94 27.24
CA VAL A 169 2.89 24.22 25.97
C VAL A 169 3.96 24.53 24.93
N GLY A 170 3.87 23.85 23.79
CA GLY A 170 4.91 23.93 22.77
C GLY A 170 4.57 24.74 21.55
N GLU A 171 5.62 25.16 20.86
CA GLU A 171 5.51 25.77 19.55
C GLU A 171 6.41 24.98 18.59
N VAL A 172 6.00 24.91 17.32
CA VAL A 172 6.74 24.15 16.32
C VAL A 172 8.08 24.83 16.01
N ASN A 173 9.17 24.17 16.39
CA ASN A 173 10.50 24.72 16.12
C ASN A 173 11.03 24.32 14.75
N SER A 174 10.72 23.09 14.34
CA SER A 174 11.09 22.59 13.02
C SER A 174 10.21 21.41 12.62
N VAL A 175 10.04 21.21 11.31
CA VAL A 175 9.32 20.05 10.78
C VAL A 175 10.24 19.29 9.82
N ASN A 176 10.43 18.00 10.09
CA ASN A 176 11.15 17.13 9.16
C ASN A 176 10.24 16.03 8.59
N SER A 177 9.93 16.16 7.30
CA SER A 177 9.01 15.23 6.63
C SER A 177 9.70 14.06 5.94
N GLU A 178 11.03 13.98 6.08
CA GLU A 178 11.80 12.87 5.52
C GLU A 178 11.25 11.53 5.97
N VAL A 179 10.40 11.56 6.99
CA VAL A 179 9.86 10.37 7.62
C VAL A 179 8.58 9.93 6.93
N ILE A 180 7.71 10.90 6.65
CA ILE A 180 6.34 10.61 6.20
C ILE A 180 6.16 10.69 4.68
N GLU A 181 7.02 11.46 4.01
CA GLU A 181 7.05 11.57 2.54
C GLU A 181 7.10 10.19 1.90
N PRO A 182 8.03 9.33 2.36
CA PRO A 182 8.12 7.97 1.83
C PRO A 182 6.78 7.25 1.90
N LEU A 183 6.15 7.25 3.07
CA LEU A 183 4.84 6.61 3.24
C LEU A 183 3.77 7.26 2.37
N LEU A 184 3.83 8.58 2.22
CA LEU A 184 2.85 9.31 1.41
C LEU A 184 2.83 8.89 -0.05
N GLU A 185 4.03 8.66 -0.59
CA GLU A 185 4.21 8.18 -1.98
C GLU A 185 3.62 6.79 -2.13
N ARG A 186 3.81 5.97 -1.10
CA ARG A 186 3.32 4.60 -1.07
C ARG A 186 1.81 4.51 -0.80
N GLY A 187 1.14 5.66 -0.84
CA GLY A 187 -0.31 5.71 -0.73
C GLY A 187 -0.88 5.51 0.67
N TYR A 188 -0.03 5.64 1.69
CA TYR A 188 -0.47 5.58 3.08
C TYR A 188 -1.08 6.91 3.52
N ILE A 189 -1.87 6.87 4.59
CA ILE A 189 -2.52 8.07 5.09
C ILE A 189 -1.96 8.41 6.48
N PRO A 190 -1.04 9.39 6.54
CA PRO A 190 -0.47 9.79 7.82
C PRO A 190 -1.51 10.47 8.70
N VAL A 191 -1.54 10.07 9.97
CA VAL A 191 -2.36 10.72 10.96
C VAL A 191 -1.46 11.19 12.10
N ILE A 192 -1.29 12.51 12.21
CA ILE A 192 -0.36 13.08 13.18
C ILE A 192 -1.07 13.80 14.32
N SER A 193 -0.75 13.37 15.55
CA SER A 193 -1.16 14.07 16.77
C SER A 193 -0.24 15.26 17.03
N SER A 194 -0.78 16.27 17.72
CA SER A 194 -0.09 17.52 17.95
C SER A 194 0.63 17.51 19.28
N VAL A 195 1.61 16.62 19.38
CA VAL A 195 2.45 16.46 20.57
C VAL A 195 3.86 16.22 20.08
N ALA A 196 4.79 17.05 20.53
CA ALA A 196 6.18 16.92 20.08
C ALA A 196 7.18 17.07 21.20
N ALA A 197 8.30 16.34 21.08
CA ALA A 197 9.38 16.42 22.05
C ALA A 197 10.40 17.46 21.63
N ASP A 198 11.00 18.10 22.62
CA ASP A 198 12.09 19.04 22.41
C ASP A 198 13.41 18.26 22.21
N GLU A 199 14.49 19.00 22.00
CA GLU A 199 15.82 18.42 21.81
C GLU A 199 16.31 17.59 23.00
N ASN A 200 15.65 17.75 24.14
CA ASN A 200 16.03 17.06 25.36
C ASN A 200 15.26 15.77 25.60
N GLY A 201 14.02 15.72 25.13
CA GLY A 201 13.18 14.54 25.31
C GLY A 201 11.88 14.84 26.01
N GLN A 202 11.72 16.10 26.41
CA GLN A 202 10.51 16.60 27.08
C GLN A 202 9.38 16.75 26.10
N SER A 203 8.22 16.21 26.44
CA SER A 203 7.05 16.32 25.58
C SER A 203 6.41 17.68 25.73
N PHE A 204 5.83 18.18 24.64
CA PHE A 204 5.17 19.48 24.62
C PHE A 204 3.79 19.41 23.97
N ASN A 205 2.79 19.97 24.65
CA ASN A 205 1.46 20.10 24.07
C ASN A 205 1.42 21.30 23.12
N ILE A 206 1.42 21.02 21.82
CA ILE A 206 1.35 22.07 20.80
C ILE A 206 -0.08 22.20 20.29
N ASN A 207 -0.49 23.42 19.97
CA ASN A 207 -1.79 23.66 19.36
C ASN A 207 -1.94 22.85 18.07
N ALA A 208 -3.12 22.23 17.89
CA ALA A 208 -3.35 21.37 16.74
C ALA A 208 -3.29 22.13 15.42
N ASP A 209 -4.01 23.24 15.33
CA ASP A 209 -4.05 24.03 14.12
C ASP A 209 -2.65 24.38 13.62
N THR A 210 -1.82 24.95 14.49
CA THR A 210 -0.49 25.37 14.06
C THR A 210 0.28 24.20 13.47
N VAL A 211 0.25 23.04 14.15
CA VAL A 211 0.92 21.84 13.64
C VAL A 211 0.43 21.53 12.25
N ALA A 212 -0.89 21.49 12.06
CA ALA A 212 -1.49 21.29 10.75
C ALA A 212 -0.88 22.26 9.74
N GLY A 213 -0.90 23.54 10.07
CA GLY A 213 -0.34 24.59 9.23
C GLY A 213 1.12 24.35 8.89
N GLU A 214 1.89 23.97 9.90
CA GLU A 214 3.33 23.70 9.76
C GLU A 214 3.60 22.44 8.94
N ILE A 215 2.89 21.37 9.25
CA ILE A 215 2.98 20.15 8.46
C ILE A 215 2.67 20.48 6.99
N ALA A 216 1.53 21.15 6.77
CA ALA A 216 1.12 21.58 5.43
C ALA A 216 2.19 22.39 4.71
N ALA A 217 2.83 23.30 5.43
CA ALA A 217 3.88 24.14 4.86
C ALA A 217 5.09 23.29 4.46
N ALA A 218 5.47 22.36 5.33
CA ALA A 218 6.62 21.49 5.12
C ALA A 218 6.39 20.56 3.94
N LEU A 219 5.14 20.17 3.74
CA LEU A 219 4.79 19.25 2.68
C LEU A 219 4.48 20.02 1.40
N ASN A 220 4.53 21.34 1.48
CA ASN A 220 4.19 22.21 0.37
C ASN A 220 2.77 21.93 -0.15
N ALA A 221 1.87 21.64 0.79
CA ALA A 221 0.50 21.21 0.50
C ALA A 221 -0.31 22.19 -0.32
N GLU A 222 -1.18 21.64 -1.17
CA GLU A 222 -2.04 22.45 -2.01
C GLU A 222 -3.11 23.11 -1.15
N LYS A 223 -3.58 22.37 -0.14
CA LYS A 223 -4.66 22.84 0.72
C LYS A 223 -4.43 22.52 2.19
N LEU A 224 -4.63 23.52 3.04
CA LEU A 224 -4.72 23.31 4.47
C LEU A 224 -6.17 23.53 4.85
N ILE A 225 -6.85 22.46 5.25
CA ILE A 225 -8.26 22.54 5.58
C ILE A 225 -8.52 22.33 7.07
N LEU A 226 -9.02 23.39 7.71
CA LEU A 226 -9.34 23.36 9.13
C LEU A 226 -10.81 23.11 9.36
N LEU A 227 -11.14 21.93 9.90
CA LEU A 227 -12.50 21.65 10.33
C LEU A 227 -12.80 22.44 11.60
N THR A 228 -13.97 23.07 11.64
CA THR A 228 -14.33 23.89 12.80
C THR A 228 -15.84 24.03 12.98
N ASP A 229 -16.24 24.49 14.18
CA ASP A 229 -17.65 24.63 14.57
C ASP A 229 -18.26 25.97 14.12
N THR A 230 -17.72 26.53 13.03
CA THR A 230 -18.22 27.80 12.48
C THR A 230 -18.38 27.70 10.97
N ARG A 231 -19.44 28.29 10.44
CA ARG A 231 -19.72 28.25 9.01
C ARG A 231 -18.69 29.02 8.17
N GLY A 232 -17.56 29.37 8.79
CA GLY A 232 -16.50 30.10 8.12
C GLY A 232 -16.23 31.43 8.79
N ILE A 233 -15.88 32.42 7.98
CA ILE A 233 -15.72 33.79 8.45
C ILE A 233 -16.86 34.66 7.93
N LEU A 234 -17.69 35.15 8.86
CA LEU A 234 -18.84 35.98 8.52
C LEU A 234 -18.45 37.45 8.44
N GLU A 235 -18.85 38.14 7.37
CA GLU A 235 -18.56 39.58 7.23
C GLU A 235 -19.34 40.37 8.29
N ASP A 236 -20.47 39.81 8.70
CA ASP A 236 -21.33 40.37 9.74
C ASP A 236 -21.70 39.23 10.69
N PRO A 237 -21.23 39.29 11.95
CA PRO A 237 -21.52 38.25 12.94
C PRO A 237 -23.02 38.06 13.20
N LYS A 238 -23.76 39.17 13.17
CA LYS A 238 -25.21 39.17 13.38
C LYS A 238 -25.97 38.42 12.28
N ARG A 239 -25.43 38.45 11.06
CA ARG A 239 -26.02 37.74 9.93
C ARG A 239 -25.29 36.43 9.68
N PRO A 240 -25.97 35.29 9.89
CA PRO A 240 -25.37 34.00 9.57
C PRO A 240 -25.25 33.73 8.05
N GLU A 241 -25.44 34.78 7.24
CA GLU A 241 -25.46 34.65 5.78
C GLU A 241 -24.38 35.46 5.02
N SER A 242 -23.66 36.30 5.75
CA SER A 242 -22.64 37.15 5.14
C SER A 242 -21.46 36.34 4.64
N LEU A 243 -21.29 35.14 5.21
CA LEU A 243 -20.25 34.22 4.76
C LEU A 243 -19.45 34.82 3.60
N ILE A 244 -18.23 35.22 3.88
CA ILE A 244 -17.24 35.47 2.83
C ILE A 244 -16.78 34.15 2.20
N PRO A 245 -16.68 34.14 0.87
CA PRO A 245 -16.20 32.97 0.15
C PRO A 245 -14.67 32.92 0.10
N ARG A 246 -14.06 34.01 -0.35
CA ARG A 246 -12.64 34.05 -0.69
C ARG A 246 -11.97 35.27 -0.07
N LEU A 247 -10.79 35.05 0.50
CA LEU A 247 -10.00 36.11 1.15
C LEU A 247 -8.51 35.96 0.85
N ASN A 248 -7.81 37.08 0.69
CA ASN A 248 -6.35 37.02 0.67
C ASN A 248 -5.77 37.51 2.00
N ILE A 249 -4.45 37.53 2.10
CA ILE A 249 -3.78 37.87 3.36
C ILE A 249 -4.09 39.30 3.84
N PRO A 250 -3.88 40.32 2.98
CA PRO A 250 -4.18 41.68 3.44
C PRO A 250 -5.62 41.82 3.93
N GLN A 251 -6.58 41.28 3.16
CA GLN A 251 -8.01 41.33 3.53
C GLN A 251 -8.31 40.61 4.84
N SER A 252 -7.54 39.56 5.12
CA SER A 252 -7.68 38.83 6.38
C SER A 252 -7.10 39.65 7.53
N ARG A 253 -5.85 40.09 7.37
CA ARG A 253 -5.19 40.90 8.39
C ARG A 253 -6.06 42.07 8.82
N GLU A 254 -6.73 42.68 7.85
CA GLU A 254 -7.43 43.95 8.08
C GLU A 254 -8.25 43.88 9.36
N LEU A 255 -8.57 42.67 9.80
CA LEU A 255 -9.84 42.42 10.49
C LEU A 255 -10.03 40.93 10.75
N ILE A 256 -9.59 40.47 11.92
CA ILE A 256 -8.61 41.21 12.71
C ILE A 256 -9.03 42.67 12.86
N ALA A 257 -8.21 43.57 12.33
CA ALA A 257 -8.02 44.89 12.92
C ALA A 257 -9.36 45.58 13.16
N GLN A 258 -10.34 45.25 12.33
CA GLN A 258 -11.66 45.87 12.42
C GLN A 258 -12.55 45.15 13.42
N GLY A 259 -12.02 44.09 14.01
CA GLY A 259 -12.72 43.38 15.08
C GLY A 259 -13.63 42.30 14.55
N ILE A 260 -13.89 42.33 13.25
CA ILE A 260 -14.83 41.38 12.63
C ILE A 260 -14.40 39.94 12.90
N VAL A 261 -13.16 39.61 12.59
CA VAL A 261 -12.59 38.33 13.02
C VAL A 261 -12.15 38.48 14.47
N GLY A 262 -12.82 37.74 15.34
CA GLY A 262 -12.57 37.80 16.77
C GLY A 262 -12.57 36.42 17.40
N GLY A 263 -12.48 36.41 18.73
CA GLY A 263 -12.45 35.17 19.50
C GLY A 263 -11.23 34.33 19.16
N GLY A 264 -11.49 33.06 18.88
CA GLY A 264 -10.45 32.09 18.59
C GLY A 264 -10.50 31.63 17.15
N MET A 265 -11.28 32.35 16.37
CA MET A 265 -11.08 32.53 14.96
C MET A 265 -9.75 33.25 14.70
N ILE A 266 -9.37 34.18 15.57
CA ILE A 266 -8.14 34.97 15.38
C ILE A 266 -6.88 34.10 15.22
N PRO A 267 -6.60 33.20 16.20
CA PRO A 267 -5.45 32.32 16.01
C PRO A 267 -5.63 31.36 14.82
N LYS A 268 -6.88 31.00 14.55
CA LYS A 268 -7.21 30.13 13.43
C LYS A 268 -6.90 30.81 12.10
N VAL A 269 -7.22 32.09 12.01
CA VAL A 269 -6.91 32.90 10.83
C VAL A 269 -5.41 33.21 10.76
N ASP A 270 -4.79 33.45 11.93
CA ASP A 270 -3.35 33.61 12.02
C ASP A 270 -2.64 32.43 11.41
N CYS A 271 -3.06 31.24 11.83
CA CYS A 271 -2.51 29.98 11.34
C CYS A 271 -2.48 29.94 9.81
N CYS A 272 -3.66 30.09 9.20
CA CYS A 272 -3.78 30.10 7.74
C CYS A 272 -2.79 31.05 7.06
N ILE A 273 -2.75 32.30 7.53
CA ILE A 273 -1.84 33.32 7.00
C ILE A 273 -0.39 32.85 7.11
N ARG A 274 -0.02 32.41 8.32
CA ARG A 274 1.32 31.93 8.59
C ARG A 274 1.68 30.75 7.68
N SER A 275 0.71 29.87 7.47
CA SER A 275 0.87 28.70 6.62
C SER A 275 0.93 29.08 5.14
N LEU A 276 0.01 29.94 4.71
CA LEU A 276 -0.04 30.39 3.32
C LEU A 276 1.22 31.12 2.90
N ALA A 277 1.77 31.91 3.81
CA ALA A 277 2.98 32.67 3.57
C ALA A 277 4.14 31.76 3.18
N GLN A 278 4.17 30.58 3.79
CA GLN A 278 5.29 29.66 3.65
C GLN A 278 5.32 28.89 2.33
N GLY A 279 4.23 28.94 1.56
CA GLY A 279 4.17 28.27 0.28
C GLY A 279 2.83 27.64 -0.07
N VAL A 280 2.06 27.26 0.95
CA VAL A 280 0.75 26.64 0.75
C VAL A 280 -0.10 27.48 -0.17
N ARG A 281 -0.83 26.83 -1.08
CA ARG A 281 -1.62 27.52 -2.10
C ARG A 281 -2.94 28.05 -1.57
N ALA A 282 -3.59 27.28 -0.71
CA ALA A 282 -4.92 27.61 -0.22
C ALA A 282 -5.16 27.10 1.19
N ALA A 283 -5.82 27.92 2.00
CA ALA A 283 -6.21 27.53 3.35
C ALA A 283 -7.72 27.67 3.51
N HIS A 284 -8.35 26.62 4.01
CA HIS A 284 -9.81 26.59 4.11
C HIS A 284 -10.26 26.44 5.54
N ILE A 285 -11.13 27.35 5.97
CA ILE A 285 -11.77 27.28 7.28
C ILE A 285 -13.24 26.88 7.04
N ILE A 286 -13.51 25.58 7.10
CA ILE A 286 -14.83 25.07 6.73
C ILE A 286 -15.66 24.60 7.93
N ASP A 287 -16.95 24.45 7.70
CA ASP A 287 -17.91 24.09 8.74
C ASP A 287 -17.95 22.59 8.97
N GLY A 288 -17.04 22.11 9.83
CA GLY A 288 -16.93 20.68 10.15
C GLY A 288 -18.16 20.07 10.79
N ARG A 289 -19.15 20.94 11.08
CA ARG A 289 -20.38 20.52 11.75
C ARG A 289 -21.34 19.77 10.84
N ILE A 290 -21.15 19.86 9.52
CA ILE A 290 -22.04 19.22 8.56
C ILE A 290 -21.42 17.99 7.87
N PRO A 291 -22.21 16.91 7.71
CA PRO A 291 -21.78 15.65 7.13
C PRO A 291 -21.02 15.82 5.82
N HIS A 292 -19.88 15.14 5.74
CA HIS A 292 -18.99 15.13 4.56
C HIS A 292 -18.51 16.53 4.20
N ALA A 293 -18.19 17.31 5.22
CA ALA A 293 -17.74 18.69 5.02
C ALA A 293 -16.58 18.78 4.01
N LEU A 294 -15.69 17.79 4.06
CA LEU A 294 -14.51 17.78 3.20
C LEU A 294 -14.82 17.73 1.72
N LEU A 295 -15.48 16.64 1.30
CA LEU A 295 -15.78 16.41 -0.12
C LEU A 295 -16.65 17.52 -0.71
N LEU A 296 -17.39 18.20 0.16
CA LEU A 296 -18.20 19.34 -0.24
C LEU A 296 -17.32 20.54 -0.61
N GLU A 297 -16.23 20.72 0.12
CA GLU A 297 -15.26 21.77 -0.19
C GLU A 297 -14.49 21.45 -1.47
N ILE A 298 -14.02 20.21 -1.56
CA ILE A 298 -13.13 19.80 -2.65
C ILE A 298 -13.85 19.65 -3.97
N PHE A 299 -14.99 18.96 -3.96
CA PHE A 299 -15.66 18.57 -5.20
C PHE A 299 -16.96 19.34 -5.50
N THR A 300 -17.31 20.28 -4.62
CA THR A 300 -18.54 21.06 -4.79
C THR A 300 -18.29 22.56 -4.69
N ASP A 301 -19.09 23.31 -5.44
CA ASP A 301 -19.03 24.77 -5.45
C ASP A 301 -19.75 25.34 -4.23
N ALA A 302 -20.42 24.48 -3.47
CA ALA A 302 -21.22 24.91 -2.31
C ALA A 302 -20.34 25.43 -1.18
N GLY A 303 -20.74 26.57 -0.62
CA GLY A 303 -19.96 27.26 0.41
C GLY A 303 -20.12 26.66 1.80
N ILE A 304 -19.01 26.18 2.36
CA ILE A 304 -18.98 25.57 3.68
C ILE A 304 -17.96 26.28 4.56
N GLY A 305 -17.23 27.21 3.96
CA GLY A 305 -16.22 27.96 4.69
C GLY A 305 -15.50 28.98 3.82
N THR A 306 -14.65 29.76 4.47
CA THR A 306 -13.87 30.78 3.79
C THR A 306 -12.55 30.19 3.31
N MET A 307 -12.23 30.43 2.04
CA MET A 307 -10.92 30.08 1.50
C MET A 307 -9.99 31.29 1.54
N ILE A 308 -8.83 31.11 2.17
CA ILE A 308 -7.82 32.17 2.25
C ILE A 308 -6.63 31.81 1.36
N VAL A 309 -6.32 32.68 0.42
CA VAL A 309 -5.21 32.44 -0.49
C VAL A 309 -4.00 33.26 -0.10
N GLY A 310 -2.89 32.99 -0.77
CA GLY A 310 -1.72 33.85 -0.75
C GLY A 310 -1.87 34.89 -1.83
N SER A 311 -2.54 34.49 -2.92
CA SER A 311 -2.86 35.35 -4.09
C SER A 311 -3.22 36.80 -3.76
N ALA B 28 53.42 6.95 23.74
CA ALA B 28 53.31 8.32 24.32
C ALA B 28 51.84 8.79 24.42
N GLY B 29 50.98 7.90 24.91
CA GLY B 29 49.58 8.23 25.27
C GLY B 29 48.76 6.96 25.45
N ALA B 30 47.47 7.01 25.78
CA ALA B 30 46.92 7.13 27.14
C ALA B 30 45.77 6.11 27.09
N ALA B 31 44.70 6.45 26.38
CA ALA B 31 43.57 5.55 26.17
C ALA B 31 43.73 4.75 24.85
N ASP B 32 44.22 3.52 24.98
CA ASP B 32 44.44 2.63 23.85
C ASP B 32 43.21 1.77 23.57
N ARG B 33 42.04 2.38 23.80
CA ARG B 33 40.72 1.80 23.52
C ARG B 33 40.58 1.36 22.07
N VAL B 34 41.56 1.73 21.26
CA VAL B 34 41.65 1.38 19.86
C VAL B 34 41.88 -0.12 19.69
N ARG B 35 42.85 -0.66 20.44
CA ARG B 35 43.18 -2.08 20.38
C ARG B 35 41.96 -2.94 20.68
N ILE B 36 41.16 -2.49 21.64
CA ILE B 36 39.93 -3.20 21.99
C ILE B 36 38.82 -2.97 20.96
N LEU B 37 38.93 -1.89 20.18
CA LEU B 37 37.94 -1.57 19.15
C LEU B 37 38.16 -2.44 17.91
N SER B 38 39.43 -2.62 17.58
CA SER B 38 39.86 -3.48 16.49
C SER B 38 39.48 -4.93 16.75
N GLU B 39 39.29 -5.28 18.02
CA GLU B 39 38.93 -6.65 18.41
C GLU B 39 37.45 -6.96 18.20
N ALA B 40 36.65 -5.92 17.96
CA ALA B 40 35.22 -6.08 17.71
C ALA B 40 34.94 -6.43 16.25
N LEU B 41 35.95 -6.17 15.41
CA LEU B 41 35.85 -6.31 13.96
C LEU B 41 35.25 -7.65 13.48
N PRO B 42 35.69 -8.80 14.03
CA PRO B 42 35.12 -10.06 13.56
C PRO B 42 33.61 -10.15 13.80
N TYR B 43 33.14 -9.66 14.95
CA TYR B 43 31.71 -9.68 15.29
C TYR B 43 30.98 -8.69 14.40
N LEU B 44 31.59 -7.51 14.23
CA LEU B 44 31.03 -6.47 13.37
C LEU B 44 30.80 -6.96 11.96
N GLN B 45 31.75 -7.75 11.45
CA GLN B 45 31.62 -8.37 10.13
C GLN B 45 30.57 -9.48 10.15
N GLN B 46 30.50 -10.19 11.27
CA GLN B 46 29.68 -11.39 11.39
C GLN B 46 28.17 -11.12 11.25
N PHE B 47 27.69 -10.00 11.79
CA PHE B 47 26.27 -9.63 11.67
C PHE B 47 26.07 -8.36 10.84
N ALA B 48 27.08 -8.01 10.06
CA ALA B 48 27.02 -6.80 9.25
C ALA B 48 25.79 -6.85 8.37
N GLY B 49 24.94 -5.82 8.52
CA GLY B 49 23.72 -5.70 7.73
C GLY B 49 22.55 -6.56 8.17
N ARG B 50 22.75 -7.32 9.25
CA ARG B 50 21.71 -8.21 9.73
C ARG B 50 20.67 -7.48 10.58
N THR B 51 19.49 -8.07 10.71
CA THR B 51 18.37 -7.50 11.45
C THR B 51 18.26 -8.13 12.84
N VAL B 52 18.01 -7.31 13.85
CA VAL B 52 17.93 -7.79 15.22
C VAL B 52 16.69 -7.23 15.92
N VAL B 53 15.79 -8.13 16.33
CA VAL B 53 14.59 -7.73 17.07
C VAL B 53 14.79 -7.96 18.56
N VAL B 54 14.74 -6.88 19.32
CA VAL B 54 15.00 -6.93 20.75
C VAL B 54 13.71 -6.68 21.50
N LYS B 55 13.43 -7.50 22.52
CA LYS B 55 12.30 -7.24 23.41
C LYS B 55 12.80 -6.52 24.62
N TYR B 56 12.59 -5.20 24.62
CA TYR B 56 13.00 -4.32 25.70
C TYR B 56 11.92 -4.35 26.80
N GLY B 57 12.26 -4.91 27.97
CA GLY B 57 11.28 -5.06 29.04
C GLY B 57 11.77 -5.32 30.46
N GLY B 58 10.94 -4.93 31.42
CA GLY B 58 11.13 -5.24 32.83
C GLY B 58 12.37 -4.62 33.44
N ALA B 59 13.39 -5.47 33.66
CA ALA B 59 14.60 -5.07 34.36
C ALA B 59 15.33 -3.91 33.68
N ALA B 60 15.60 -4.06 32.40
CA ALA B 60 16.32 -3.04 31.63
C ALA B 60 15.44 -1.84 31.32
N MET B 61 14.18 -1.91 31.74
CA MET B 61 13.20 -0.88 31.44
C MET B 61 12.94 0.04 32.65
N LYS B 62 12.95 -0.53 33.85
CA LYS B 62 12.71 0.24 35.07
C LYS B 62 13.96 1.01 35.53
N GLN B 63 15.08 0.32 35.64
CA GLN B 63 16.31 0.89 36.20
C GLN B 63 17.01 1.78 35.18
N GLU B 64 17.09 3.06 35.48
CA GLU B 64 17.66 4.08 34.59
C GLU B 64 19.01 3.67 34.00
N GLU B 65 19.94 3.27 34.85
CA GLU B 65 21.29 2.88 34.43
C GLU B 65 21.23 1.84 33.31
N LEU B 66 20.24 0.94 33.40
CA LEU B 66 20.03 -0.09 32.41
C LEU B 66 19.30 0.44 31.17
N LYS B 67 18.26 1.22 31.43
CA LYS B 67 17.41 1.80 30.37
C LYS B 67 18.25 2.66 29.43
N GLU B 68 19.06 3.53 30.01
CA GLU B 68 19.91 4.44 29.27
C GLU B 68 20.98 3.66 28.50
N ALA B 69 21.41 2.54 29.06
CA ALA B 69 22.40 1.66 28.42
C ALA B 69 21.84 0.97 27.16
N VAL B 70 20.61 0.48 27.24
CA VAL B 70 19.96 -0.18 26.11
C VAL B 70 19.86 0.74 24.90
N MET B 71 19.34 1.94 25.10
CA MET B 71 19.22 2.92 24.03
C MET B 71 20.56 3.11 23.31
N ARG B 72 21.64 3.26 24.07
CA ARG B 72 22.97 3.42 23.50
C ARG B 72 23.42 2.20 22.71
N ASP B 73 23.09 1.00 23.20
CA ASP B 73 23.35 -0.21 22.45
C ASP B 73 22.57 -0.23 21.15
N ILE B 74 21.27 0.06 21.24
CA ILE B 74 20.37 0.05 20.08
C ILE B 74 20.87 0.99 18.99
N VAL B 75 21.17 2.23 19.40
CA VAL B 75 21.66 3.24 18.46
C VAL B 75 23.03 2.88 17.90
N PHE B 76 23.89 2.26 18.72
CA PHE B 76 25.19 1.78 18.26
C PHE B 76 25.02 0.74 17.15
N LEU B 77 24.15 -0.24 17.40
CA LEU B 77 23.83 -1.28 16.43
C LEU B 77 23.38 -0.67 15.11
N ALA B 78 22.40 0.23 15.20
CA ALA B 78 21.89 0.96 14.05
C ALA B 78 23.00 1.71 13.33
N CYS B 79 23.85 2.37 14.10
CA CYS B 79 24.93 3.19 13.55
C CYS B 79 25.89 2.36 12.71
N VAL B 80 26.25 1.20 13.24
CA VAL B 80 27.21 0.29 12.61
C VAL B 80 26.72 -0.24 11.24
N GLY B 81 25.42 -0.43 11.11
CA GLY B 81 24.84 -0.89 9.86
C GLY B 81 23.97 -2.11 10.01
N MET B 82 23.74 -2.51 11.25
CA MET B 82 22.77 -3.55 11.54
C MET B 82 21.41 -2.89 11.63
N ARG B 83 20.36 -3.71 11.64
CA ARG B 83 18.98 -3.22 11.63
C ARG B 83 18.25 -3.64 12.90
N PRO B 84 18.28 -2.78 13.94
CA PRO B 84 17.66 -3.11 15.22
C PRO B 84 16.20 -2.68 15.30
N VAL B 85 15.36 -3.53 15.84
CA VAL B 85 13.94 -3.22 16.01
C VAL B 85 13.56 -3.46 17.45
N VAL B 86 13.06 -2.43 18.11
CA VAL B 86 12.63 -2.57 19.50
C VAL B 86 11.14 -2.91 19.58
N VAL B 87 10.82 -3.99 20.28
CA VAL B 87 9.44 -4.35 20.60
C VAL B 87 9.30 -4.30 22.10
N HIS B 88 8.24 -3.69 22.60
CA HIS B 88 8.12 -3.48 24.04
C HIS B 88 6.73 -3.67 24.59
N GLY B 89 6.66 -4.00 25.89
CA GLY B 89 5.41 -4.03 26.62
C GLY B 89 5.46 -3.01 27.73
N GLY B 90 5.20 -3.45 28.96
CA GLY B 90 5.28 -2.58 30.13
C GLY B 90 4.17 -2.82 31.13
N GLY B 91 4.06 -4.06 31.60
CA GLY B 91 3.09 -4.44 32.62
C GLY B 91 3.18 -3.54 33.84
N PRO B 92 4.34 -3.51 34.52
CA PRO B 92 4.57 -2.65 35.68
C PRO B 92 4.19 -1.19 35.43
N GLU B 93 4.49 -0.72 34.22
CA GLU B 93 4.14 0.63 33.80
C GLU B 93 2.64 0.83 33.74
N ILE B 94 1.92 -0.17 33.24
CA ILE B 94 0.47 -0.14 33.18
C ILE B 94 -0.08 -0.13 34.60
N ASN B 95 0.42 -1.04 35.43
CA ASN B 95 -0.01 -1.19 36.82
C ASN B 95 -0.17 0.14 37.55
N ALA B 96 0.79 1.03 37.35
CA ALA B 96 0.78 2.37 37.92
C ALA B 96 -0.53 3.13 37.62
N TRP B 97 -0.77 3.37 36.34
CA TRP B 97 -1.89 4.22 35.89
C TRP B 97 -3.25 3.62 36.19
N LEU B 98 -3.33 2.29 36.18
CA LEU B 98 -4.56 1.59 36.56
C LEU B 98 -4.94 2.01 37.97
N GLY B 99 -3.98 1.95 38.88
CA GLY B 99 -4.16 2.37 40.26
C GLY B 99 -4.35 3.87 40.44
N ARG B 100 -4.57 4.58 39.33
CA ARG B 100 -4.79 6.02 39.35
C ARG B 100 -6.10 6.40 38.67
N VAL B 101 -6.84 5.39 38.22
CA VAL B 101 -8.21 5.56 37.76
C VAL B 101 -9.12 4.70 38.64
N GLY B 102 -8.51 4.00 39.60
CA GLY B 102 -9.22 3.19 40.58
C GLY B 102 -9.59 1.79 40.11
N ILE B 103 -8.66 1.13 39.42
CA ILE B 103 -8.88 -0.25 38.98
C ILE B 103 -7.73 -1.16 39.42
N GLU B 104 -8.07 -2.32 39.99
CA GLU B 104 -7.07 -3.28 40.48
C GLU B 104 -6.46 -4.14 39.36
N PRO B 105 -5.12 -4.29 39.37
CA PRO B 105 -4.40 -5.24 38.52
C PRO B 105 -4.80 -6.69 38.83
N GLN B 106 -4.87 -7.56 37.82
CA GLN B 106 -5.07 -8.99 38.06
C GLN B 106 -4.51 -9.83 36.93
N PHE B 107 -3.84 -10.93 37.30
CA PHE B 107 -3.23 -11.80 36.30
C PHE B 107 -3.77 -13.22 36.34
N HIS B 108 -4.10 -13.75 35.16
CA HIS B 108 -4.48 -15.14 35.05
C HIS B 108 -3.39 -15.96 34.35
N ASN B 109 -2.56 -16.63 35.15
CA ASN B 109 -1.37 -17.29 34.64
C ASN B 109 -0.86 -16.65 33.35
N GLY B 110 -0.17 -15.52 33.49
CA GLY B 110 0.73 -15.05 32.46
C GLY B 110 0.18 -13.87 31.70
N LEU B 111 -0.94 -14.06 31.02
CA LEU B 111 -1.66 -12.98 30.38
C LEU B 111 -2.41 -12.17 31.43
N ARG B 112 -2.55 -10.87 31.19
CA ARG B 112 -3.28 -9.99 32.09
C ARG B 112 -4.72 -9.85 31.61
N VAL B 113 -5.66 -10.28 32.46
CA VAL B 113 -7.08 -10.13 32.17
C VAL B 113 -7.44 -8.66 32.04
N THR B 114 -7.96 -8.29 30.88
CA THR B 114 -8.22 -6.89 30.52
C THR B 114 -9.60 -6.68 29.91
N ASP B 115 -10.48 -6.04 30.66
CA ASP B 115 -11.81 -5.67 30.16
C ASP B 115 -11.74 -4.42 29.28
N ALA B 116 -12.89 -3.97 28.81
CA ALA B 116 -12.98 -2.80 27.93
C ALA B 116 -12.42 -1.53 28.58
N ASP B 117 -12.63 -1.38 29.89
CA ASP B 117 -12.14 -0.21 30.62
C ASP B 117 -10.65 -0.25 30.87
N THR B 118 -10.11 -1.42 31.22
CA THR B 118 -8.67 -1.57 31.46
C THR B 118 -7.85 -1.57 30.16
N MET B 119 -8.45 -2.04 29.08
CA MET B 119 -7.81 -2.01 27.75
C MET B 119 -7.43 -0.58 27.41
N GLU B 120 -8.39 0.33 27.54
CA GLU B 120 -8.21 1.76 27.23
C GLU B 120 -6.96 2.34 27.88
N VAL B 121 -6.67 1.89 29.12
CA VAL B 121 -5.49 2.32 29.86
C VAL B 121 -4.22 1.71 29.26
N VAL B 122 -4.26 0.39 29.02
CA VAL B 122 -3.14 -0.33 28.42
C VAL B 122 -2.68 0.41 27.17
N GLU B 123 -3.64 0.69 26.28
CA GLU B 123 -3.38 1.39 25.03
C GLU B 123 -2.75 2.77 25.27
N MET B 124 -3.29 3.51 26.22
CA MET B 124 -2.78 4.85 26.53
C MET B 124 -1.37 4.83 27.08
N VAL B 125 -1.07 3.85 27.93
CA VAL B 125 0.24 3.74 28.57
C VAL B 125 1.30 3.27 27.58
N LEU B 126 1.02 2.14 26.91
CA LEU B 126 2.01 1.50 26.05
C LEU B 126 2.29 2.28 24.77
N VAL B 127 1.24 2.72 24.09
CA VAL B 127 1.40 3.44 22.83
C VAL B 127 1.77 4.89 23.10
N GLY B 128 1.12 5.49 24.09
CA GLY B 128 1.28 6.90 24.35
C GLY B 128 2.49 7.24 25.19
N ARG B 129 2.59 6.64 26.37
CA ARG B 129 3.59 7.07 27.34
C ARG B 129 4.92 6.34 27.26
N VAL B 130 4.87 5.02 27.12
CA VAL B 130 6.07 4.20 27.08
C VAL B 130 6.79 4.26 25.72
N ASN B 131 6.05 3.97 24.65
CA ASN B 131 6.59 3.94 23.30
C ASN B 131 7.35 5.20 22.96
N LYS B 132 6.75 6.34 23.29
CA LYS B 132 7.34 7.61 22.93
C LYS B 132 8.40 8.06 23.91
N ASP B 133 8.55 7.34 25.02
CA ASP B 133 9.70 7.52 25.91
C ASP B 133 10.94 6.89 25.25
N ILE B 134 10.76 5.68 24.72
CA ILE B 134 11.82 4.92 24.07
C ILE B 134 12.28 5.63 22.81
N VAL B 135 11.31 6.06 22.01
CA VAL B 135 11.59 6.85 20.80
C VAL B 135 12.33 8.13 21.15
N SER B 136 11.81 8.85 22.16
CA SER B 136 12.38 10.10 22.64
C SER B 136 13.85 9.96 23.02
N ARG B 137 14.17 8.91 23.77
CA ARG B 137 15.53 8.64 24.23
C ARG B 137 16.48 8.36 23.08
N ILE B 138 16.07 7.44 22.20
CA ILE B 138 16.86 7.08 21.03
C ILE B 138 17.19 8.32 20.18
N ASN B 139 16.17 9.13 19.91
CA ASN B 139 16.33 10.37 19.17
C ASN B 139 17.37 11.29 19.79
N THR B 140 17.32 11.43 21.11
CA THR B 140 18.25 12.31 21.80
C THR B 140 19.63 11.66 21.87
N THR B 141 19.68 10.33 21.81
CA THR B 141 20.93 9.58 21.80
C THR B 141 21.62 9.66 20.42
N GLY B 142 20.86 10.07 19.41
CA GLY B 142 21.40 10.29 18.08
C GLY B 142 20.91 9.35 17.00
N GLY B 143 19.97 8.48 17.35
CA GLY B 143 19.32 7.64 16.36
C GLY B 143 18.10 8.34 15.79
N ARG B 144 17.44 7.71 14.84
CA ARG B 144 16.14 8.19 14.39
C ARG B 144 15.13 7.09 14.63
N ALA B 145 14.47 7.15 15.79
CA ALA B 145 13.46 6.17 16.12
C ALA B 145 12.13 6.55 15.52
N VAL B 146 11.36 5.55 15.10
CA VAL B 146 9.99 5.76 14.67
C VAL B 146 9.11 4.77 15.41
N GLY B 147 8.22 5.31 16.23
CA GLY B 147 7.39 4.50 17.10
C GLY B 147 6.12 3.98 16.46
N PHE B 148 5.82 2.71 16.70
CA PHE B 148 4.62 2.09 16.18
C PHE B 148 3.87 1.27 17.21
N CYS B 149 2.62 0.94 16.88
CA CYS B 149 1.91 -0.15 17.51
C CYS B 149 1.27 -0.97 16.39
N GLY B 150 0.83 -2.18 16.72
CA GLY B 150 0.29 -3.10 15.72
C GLY B 150 -0.60 -2.47 14.68
N THR B 151 -1.50 -1.59 15.11
CA THR B 151 -2.54 -1.07 14.23
C THR B 151 -2.05 -0.03 13.23
N ASP B 152 -0.81 0.43 13.38
CA ASP B 152 -0.20 1.35 12.42
C ASP B 152 0.09 0.68 11.07
N GLY B 153 -0.71 1.03 10.07
CA GLY B 153 -0.61 0.42 8.75
C GLY B 153 -0.79 -1.10 8.81
N ARG B 154 -1.60 -1.56 9.76
CA ARG B 154 -1.88 -2.99 9.93
C ARG B 154 -0.60 -3.80 10.19
N LEU B 155 0.40 -3.17 10.80
CA LEU B 155 1.70 -3.81 11.08
C LEU B 155 1.50 -5.18 11.71
N VAL B 156 0.73 -5.18 12.81
CA VAL B 156 0.25 -6.40 13.44
C VAL B 156 -1.26 -6.31 13.45
N LEU B 157 -1.92 -7.40 13.06
CA LEU B 157 -3.37 -7.49 13.17
C LEU B 157 -3.76 -8.57 14.17
N ALA B 158 -4.58 -8.18 15.15
CA ALA B 158 -4.90 -9.04 16.29
C ALA B 158 -6.17 -9.87 16.11
N ARG B 159 -6.20 -11.00 16.81
CA ARG B 159 -7.42 -11.79 16.97
C ARG B 159 -7.61 -12.03 18.47
N PRO B 160 -8.84 -12.36 18.90
CA PRO B 160 -9.01 -12.68 20.32
C PRO B 160 -8.16 -13.90 20.68
N HIS B 161 -7.39 -13.79 21.76
CA HIS B 161 -6.52 -14.89 22.19
C HIS B 161 -7.33 -16.14 22.53
N ASP B 162 -6.83 -17.30 22.10
CA ASP B 162 -7.49 -18.60 22.32
C ASP B 162 -8.10 -18.74 23.72
N GLN B 163 -7.36 -18.27 24.74
CA GLN B 163 -7.80 -18.28 26.13
C GLN B 163 -9.18 -17.62 26.29
N GLU B 164 -10.13 -18.37 26.84
CA GLU B 164 -11.50 -17.90 26.99
C GLU B 164 -11.75 -17.16 28.31
N GLY B 165 -12.31 -15.96 28.22
CA GLY B 165 -12.74 -15.21 29.40
C GLY B 165 -11.75 -14.20 29.94
N ILE B 166 -10.60 -14.09 29.27
CA ILE B 166 -9.52 -13.16 29.66
C ILE B 166 -9.70 -11.74 29.12
N GLY B 167 -10.89 -11.43 28.59
CA GLY B 167 -11.21 -10.11 28.06
C GLY B 167 -10.54 -9.84 26.72
N PHE B 168 -10.18 -8.58 26.48
CA PHE B 168 -9.56 -8.16 25.22
C PHE B 168 -8.06 -8.45 25.13
N VAL B 169 -7.66 -9.67 25.47
CA VAL B 169 -6.29 -10.12 25.28
C VAL B 169 -6.15 -10.70 23.87
N GLY B 170 -5.14 -10.24 23.16
CA GLY B 170 -4.99 -10.58 21.75
C GLY B 170 -3.89 -11.58 21.44
N GLU B 171 -4.03 -12.19 20.27
CA GLU B 171 -2.99 -13.02 19.68
C GLU B 171 -2.72 -12.50 18.28
N VAL B 172 -1.47 -12.60 17.84
CA VAL B 172 -1.07 -12.11 16.52
C VAL B 172 -1.71 -12.95 15.42
N ASN B 173 -2.62 -12.33 14.66
CA ASN B 173 -3.26 -13.03 13.56
C ASN B 173 -2.48 -12.94 12.27
N SER B 174 -1.87 -11.78 12.03
CA SER B 174 -1.01 -11.56 10.87
C SER B 174 -0.04 -10.41 11.11
N VAL B 175 1.11 -10.44 10.43
CA VAL B 175 2.07 -9.33 10.48
C VAL B 175 2.33 -8.82 9.06
N ASN B 176 2.11 -7.52 8.84
CA ASN B 176 2.48 -6.90 7.58
C ASN B 176 3.57 -5.86 7.75
N SER B 177 4.77 -6.17 7.26
CA SER B 177 5.93 -5.31 7.43
C SER B 177 6.16 -4.35 6.27
N GLU B 178 5.25 -4.36 5.28
CA GLU B 178 5.30 -3.42 4.15
C GLU B 178 5.43 -1.98 4.61
N VAL B 179 5.13 -1.76 5.88
CA VAL B 179 5.08 -0.44 6.47
C VAL B 179 6.44 -0.04 7.00
N ILE B 180 7.10 -0.98 7.68
CA ILE B 180 8.30 -0.65 8.43
C ILE B 180 9.63 -0.95 7.71
N GLU B 181 9.62 -1.91 6.80
N GLU B 181 9.60 -1.94 6.82
CA GLU B 181 10.85 -2.23 6.06
CA GLU B 181 10.76 -2.28 5.99
C GLU B 181 11.35 -1.11 5.14
C GLU B 181 11.31 -1.06 5.25
N PRO B 182 10.45 -0.25 4.61
CA PRO B 182 10.93 0.98 3.99
C PRO B 182 11.76 1.83 4.96
N LEU B 183 11.22 2.09 6.15
CA LEU B 183 11.94 2.87 7.16
C LEU B 183 13.22 2.19 7.61
N LEU B 184 13.19 0.85 7.68
CA LEU B 184 14.34 0.08 8.12
C LEU B 184 15.55 0.25 7.19
N GLU B 185 15.28 0.28 5.89
CA GLU B 185 16.34 0.45 4.91
C GLU B 185 16.91 1.85 5.01
N ARG B 186 16.04 2.81 5.27
CA ARG B 186 16.44 4.21 5.43
C ARG B 186 17.14 4.49 6.76
N GLY B 187 17.48 3.42 7.48
CA GLY B 187 18.29 3.54 8.68
C GLY B 187 17.56 4.02 9.92
N TYR B 188 16.23 3.95 9.90
CA TYR B 188 15.41 4.31 11.06
C TYR B 188 15.30 3.15 12.05
N ILE B 189 14.96 3.47 13.29
CA ILE B 189 14.81 2.45 14.33
C ILE B 189 13.34 2.29 14.70
N PRO B 190 12.69 1.24 14.20
CA PRO B 190 11.30 1.04 14.59
C PRO B 190 11.19 0.62 16.05
N VAL B 191 10.25 1.23 16.76
CA VAL B 191 9.92 0.84 18.11
C VAL B 191 8.44 0.52 18.16
N ILE B 192 8.12 -0.75 18.35
CA ILE B 192 6.73 -1.22 18.29
C ILE B 192 6.20 -1.65 19.64
N SER B 193 5.08 -1.05 20.04
CA SER B 193 4.34 -1.49 21.20
C SER B 193 3.47 -2.70 20.84
N SER B 194 3.17 -3.51 21.86
CA SER B 194 2.44 -4.76 21.68
C SER B 194 0.95 -4.56 21.88
N VAL B 195 0.35 -3.75 21.03
CA VAL B 195 -1.07 -3.45 21.06
C VAL B 195 -1.55 -3.41 19.62
N ALA B 196 -2.53 -4.23 19.28
CA ALA B 196 -2.99 -4.31 17.90
C ALA B 196 -4.50 -4.32 17.81
N ALA B 197 -5.01 -3.73 16.73
CA ALA B 197 -6.45 -3.71 16.47
C ALA B 197 -6.87 -4.91 15.63
N ASP B 198 -8.09 -5.40 15.85
CA ASP B 198 -8.67 -6.45 15.03
C ASP B 198 -9.26 -5.86 13.76
N GLU B 199 -9.84 -6.71 12.91
CA GLU B 199 -10.43 -6.29 11.65
C GLU B 199 -11.60 -5.31 11.83
N ASN B 200 -12.12 -5.23 13.05
CA ASN B 200 -13.22 -4.34 13.35
C ASN B 200 -12.82 -2.96 13.87
N GLY B 201 -11.67 -2.89 14.54
CA GLY B 201 -11.19 -1.63 15.09
C GLY B 201 -11.00 -1.69 16.60
N GLN B 202 -11.36 -2.83 17.19
CA GLN B 202 -11.17 -3.07 18.61
C GLN B 202 -9.68 -3.32 18.92
N SER B 203 -9.19 -2.63 19.96
CA SER B 203 -7.81 -2.79 20.39
C SER B 203 -7.65 -4.05 21.23
N PHE B 204 -6.49 -4.68 21.12
CA PHE B 204 -6.20 -5.89 21.87
C PHE B 204 -4.84 -5.83 22.55
N ASN B 205 -4.80 -6.19 23.83
CA ASN B 205 -3.54 -6.31 24.56
C ASN B 205 -2.86 -7.64 24.23
N ILE B 206 -1.83 -7.60 23.40
CA ILE B 206 -1.07 -8.80 23.05
C ILE B 206 0.20 -8.90 23.88
N ASN B 207 0.57 -10.12 24.24
CA ASN B 207 1.83 -10.35 24.95
C ASN B 207 3.00 -9.77 24.16
N ALA B 208 3.91 -9.09 24.86
CA ALA B 208 5.05 -8.44 24.21
C ALA B 208 5.97 -9.43 23.49
N ASP B 209 6.38 -10.49 24.20
CA ASP B 209 7.29 -11.49 23.66
C ASP B 209 6.80 -12.04 22.33
N THR B 210 5.57 -12.51 22.30
CA THR B 210 5.03 -13.11 21.07
C THR B 210 5.13 -12.12 19.92
N VAL B 211 4.73 -10.87 20.16
CA VAL B 211 4.83 -9.83 19.12
C VAL B 211 6.26 -9.72 18.61
N ALA B 212 7.21 -9.65 19.54
CA ALA B 212 8.62 -9.62 19.18
C ALA B 212 8.95 -10.80 18.27
N GLY B 213 8.57 -12.00 18.71
CA GLY B 213 8.79 -13.21 17.93
C GLY B 213 8.19 -13.13 16.53
N GLU B 214 6.95 -12.66 16.43
CA GLU B 214 6.26 -12.64 15.15
C GLU B 214 6.77 -11.52 14.25
N ILE B 215 7.14 -10.39 14.85
CA ILE B 215 7.79 -9.31 14.10
C ILE B 215 9.10 -9.85 13.54
N ALA B 216 9.90 -10.46 14.42
CA ALA B 216 11.17 -11.10 14.03
C ALA B 216 11.01 -12.14 12.90
N ALA B 217 9.95 -12.93 12.98
CA ALA B 217 9.68 -13.93 11.96
C ALA B 217 9.32 -13.25 10.63
N ALA B 218 8.50 -12.22 10.70
CA ALA B 218 8.04 -11.51 9.51
C ALA B 218 9.17 -10.76 8.84
N LEU B 219 10.13 -10.32 9.64
CA LEU B 219 11.26 -9.59 9.11
C LEU B 219 12.39 -10.54 8.71
N ASN B 220 12.17 -11.84 8.95
CA ASN B 220 13.19 -12.86 8.71
C ASN B 220 14.49 -12.56 9.47
N ALA B 221 14.34 -12.03 10.69
CA ALA B 221 15.44 -11.54 11.52
C ALA B 221 16.50 -12.60 11.82
N GLU B 222 17.75 -12.15 11.88
CA GLU B 222 18.88 -13.00 12.24
C GLU B 222 18.78 -13.39 13.71
N LYS B 223 18.33 -12.45 14.54
CA LYS B 223 18.28 -12.65 15.99
C LYS B 223 17.02 -12.10 16.61
N LEU B 224 16.40 -12.90 17.47
CA LEU B 224 15.34 -12.44 18.35
C LEU B 224 15.90 -12.47 19.76
N ILE B 225 16.11 -11.29 20.33
CA ILE B 225 16.72 -11.21 21.65
C ILE B 225 15.72 -10.72 22.69
N LEU B 226 15.45 -11.57 23.66
CA LEU B 226 14.52 -11.26 24.75
C LEU B 226 15.28 -10.85 26.00
N LEU B 227 15.14 -9.59 26.37
CA LEU B 227 15.68 -9.11 27.64
C LEU B 227 14.79 -9.63 28.76
N THR B 228 15.40 -10.16 29.80
CA THR B 228 14.65 -10.74 30.92
C THR B 228 15.41 -10.68 32.25
N ASP B 229 14.67 -10.88 33.36
CA ASP B 229 15.22 -10.83 34.71
C ASP B 229 15.81 -12.18 35.16
N THR B 230 16.31 -12.95 34.20
CA THR B 230 16.93 -14.26 34.48
C THR B 230 18.22 -14.40 33.69
N ARG B 231 19.22 -15.01 34.31
CA ARG B 231 20.53 -15.21 33.67
C ARG B 231 20.48 -16.19 32.51
N GLY B 232 19.27 -16.50 32.04
CA GLY B 232 19.08 -17.43 30.94
C GLY B 232 18.29 -18.64 31.37
N ILE B 233 18.64 -19.80 30.81
CA ILE B 233 18.00 -21.07 31.17
C ILE B 233 18.98 -21.97 31.93
N LEU B 234 18.76 -22.12 33.22
CA LEU B 234 19.67 -22.91 34.06
C LEU B 234 19.42 -24.40 33.92
N GLU B 235 20.51 -25.11 33.64
CA GLU B 235 20.56 -26.57 33.59
C GLU B 235 20.02 -27.14 34.90
N ASP B 236 20.53 -26.63 36.01
CA ASP B 236 20.02 -27.01 37.33
C ASP B 236 19.79 -25.77 38.19
N PRO B 237 18.53 -25.54 38.56
CA PRO B 237 18.09 -24.24 39.05
C PRO B 237 18.69 -23.92 40.42
N LYS B 238 19.52 -24.82 40.93
CA LYS B 238 19.69 -24.98 42.36
C LYS B 238 20.54 -23.86 42.95
N ARG B 239 21.39 -23.27 42.12
CA ARG B 239 22.39 -24.03 41.38
C ARG B 239 22.84 -23.29 40.12
N PRO B 240 22.95 -21.96 40.24
CA PRO B 240 23.71 -21.17 39.26
C PRO B 240 25.21 -21.18 39.58
N GLU B 241 26.03 -20.90 38.57
CA GLU B 241 25.55 -20.78 37.20
C GLU B 241 25.78 -22.05 36.41
N SER B 242 24.70 -22.77 36.10
CA SER B 242 24.76 -23.88 35.18
C SER B 242 24.06 -23.50 33.87
N LEU B 243 23.92 -22.19 33.64
CA LEU B 243 23.22 -21.67 32.47
C LEU B 243 23.71 -22.36 31.21
N ILE B 244 22.76 -22.98 30.50
CA ILE B 244 23.04 -23.63 29.22
C ILE B 244 23.39 -22.56 28.21
N PRO B 245 24.53 -22.72 27.49
CA PRO B 245 24.90 -21.72 26.50
C PRO B 245 24.01 -21.78 25.26
N ARG B 246 23.85 -22.98 24.72
CA ARG B 246 23.07 -23.20 23.51
C ARG B 246 22.14 -24.40 23.64
N LEU B 247 20.97 -24.27 23.03
CA LEU B 247 20.01 -25.36 22.89
C LEU B 247 19.47 -25.31 21.48
N ASN B 248 18.93 -26.43 21.00
CA ASN B 248 18.08 -26.42 19.81
C ASN B 248 16.63 -26.70 20.21
N ILE B 249 15.73 -26.81 19.23
CA ILE B 249 14.31 -26.99 19.51
C ILE B 249 13.99 -28.28 20.30
N PRO B 250 14.44 -29.45 19.81
CA PRO B 250 14.15 -30.69 20.56
C PRO B 250 14.65 -30.63 22.00
N GLN B 251 15.88 -30.16 22.20
CA GLN B 251 16.44 -30.00 23.53
C GLN B 251 15.56 -29.11 24.41
N SER B 252 15.08 -28.01 23.83
CA SER B 252 14.24 -27.06 24.55
C SER B 252 12.91 -27.70 24.92
N ARG B 253 12.26 -28.30 23.92
CA ARG B 253 10.99 -28.98 24.09
C ARG B 253 11.01 -30.00 25.22
N GLU B 254 12.11 -30.73 25.33
CA GLU B 254 12.27 -31.78 26.35
C GLU B 254 12.33 -31.20 27.76
N LEU B 255 13.01 -30.05 27.89
CA LEU B 255 13.22 -29.39 29.18
C LEU B 255 11.91 -28.95 29.81
N ILE B 256 10.94 -28.60 28.96
CA ILE B 256 9.58 -28.28 29.41
C ILE B 256 8.95 -29.51 30.04
N ALA B 257 9.11 -30.66 29.39
CA ALA B 257 8.54 -31.93 29.86
C ALA B 257 9.22 -32.42 31.15
N GLN B 258 10.53 -32.19 31.24
CA GLN B 258 11.29 -32.57 32.44
C GLN B 258 11.12 -31.56 33.57
N GLY B 259 10.39 -30.48 33.30
CA GLY B 259 10.06 -29.49 34.32
C GLY B 259 11.15 -28.48 34.63
N ILE B 260 12.36 -28.73 34.12
CA ILE B 260 13.49 -27.84 34.32
C ILE B 260 13.14 -26.42 33.89
N VAL B 261 12.59 -26.29 32.68
CA VAL B 261 12.05 -25.02 32.20
C VAL B 261 10.64 -24.87 32.75
N GLY B 262 10.50 -23.96 33.71
CA GLY B 262 9.23 -23.77 34.40
C GLY B 262 8.84 -22.32 34.53
N GLY B 263 7.74 -22.08 35.24
CA GLY B 263 7.22 -20.72 35.43
C GLY B 263 6.81 -20.11 34.11
N GLY B 264 7.33 -18.93 33.81
CA GLY B 264 7.09 -18.38 32.50
C GLY B 264 8.27 -17.64 31.91
N MET B 265 9.51 -18.12 32.01
CA MET B 265 10.15 -19.16 31.19
C MET B 265 9.41 -19.97 30.13
N ILE B 266 8.44 -20.78 30.55
CA ILE B 266 7.69 -21.66 29.63
C ILE B 266 7.20 -20.94 28.35
N PRO B 267 6.37 -19.88 28.50
CA PRO B 267 5.91 -19.13 27.32
C PRO B 267 7.03 -18.39 26.59
N LYS B 268 8.06 -17.98 27.31
CA LYS B 268 9.21 -17.31 26.72
C LYS B 268 9.97 -18.26 25.79
N VAL B 269 10.18 -19.48 26.28
CA VAL B 269 10.84 -20.53 25.50
C VAL B 269 9.93 -20.96 24.35
N ASP B 270 8.64 -21.05 24.61
CA ASP B 270 7.64 -21.31 23.56
C ASP B 270 7.79 -20.31 22.44
N CYS B 271 7.81 -19.03 22.81
CA CYS B 271 7.96 -17.93 21.85
C CYS B 271 9.15 -18.19 20.93
N CYS B 272 10.33 -18.36 21.51
CA CYS B 272 11.57 -18.62 20.77
C CYS B 272 11.39 -19.74 19.76
N ILE B 273 10.89 -20.88 20.22
CA ILE B 273 10.66 -22.05 19.36
C ILE B 273 9.74 -21.68 18.21
N ARG B 274 8.61 -21.05 18.54
CA ARG B 274 7.62 -20.68 17.56
C ARG B 274 8.21 -19.73 16.53
N SER B 275 9.06 -18.81 17.00
CA SER B 275 9.73 -17.81 16.16
C SER B 275 10.83 -18.44 15.31
N LEU B 276 11.65 -19.29 15.92
CA LEU B 276 12.73 -19.99 15.23
C LEU B 276 12.22 -20.89 14.11
N ALA B 277 11.11 -21.57 14.39
CA ALA B 277 10.48 -22.46 13.42
C ALA B 277 10.15 -21.72 12.12
N GLN B 278 9.77 -20.45 12.26
CA GLN B 278 9.28 -19.65 11.13
C GLN B 278 10.36 -19.16 10.16
N GLY B 279 11.63 -19.25 10.56
CA GLY B 279 12.73 -18.81 9.71
C GLY B 279 13.88 -18.14 10.45
N VAL B 280 13.58 -17.53 11.60
CA VAL B 280 14.58 -16.85 12.41
C VAL B 280 15.75 -17.81 12.67
N ARG B 281 16.98 -17.31 12.55
CA ARG B 281 18.15 -18.16 12.72
C ARG B 281 18.59 -18.36 14.18
N ALA B 282 18.35 -17.38 15.05
CA ALA B 282 18.76 -17.48 16.45
C ALA B 282 17.84 -16.72 17.39
N ALA B 283 17.53 -17.33 18.54
CA ALA B 283 16.76 -16.68 19.59
C ALA B 283 17.55 -16.66 20.89
N HIS B 284 17.62 -15.49 21.53
CA HIS B 284 18.45 -15.33 22.71
C HIS B 284 17.61 -14.87 23.88
N ILE B 285 17.73 -15.61 24.98
CA ILE B 285 17.09 -15.25 26.25
C ILE B 285 18.18 -14.76 27.18
N ILE B 286 18.36 -13.45 27.26
CA ILE B 286 19.53 -12.90 27.94
C ILE B 286 19.18 -12.07 29.17
N ASP B 287 20.17 -11.94 30.06
CA ASP B 287 19.99 -11.32 31.36
C ASP B 287 19.97 -9.80 31.26
N GLY B 288 18.79 -9.25 30.98
CA GLY B 288 18.63 -7.81 30.82
C GLY B 288 18.94 -7.01 32.07
N ARG B 289 19.22 -7.71 33.16
CA ARG B 289 19.49 -7.09 34.46
C ARG B 289 20.86 -6.42 34.53
N ILE B 290 21.75 -6.77 33.60
CA ILE B 290 23.11 -6.23 33.63
C ILE B 290 23.38 -5.20 32.53
N PRO B 291 24.09 -4.11 32.87
CA PRO B 291 24.41 -3.01 31.95
C PRO B 291 24.97 -3.46 30.60
N HIS B 292 24.39 -2.90 29.53
CA HIS B 292 24.78 -3.20 28.15
C HIS B 292 24.64 -4.67 27.80
N ALA B 293 23.56 -5.29 28.28
CA ALA B 293 23.31 -6.72 28.06
C ALA B 293 23.38 -7.07 26.59
N LEU B 294 22.89 -6.17 25.73
CA LEU B 294 22.84 -6.42 24.30
C LEU B 294 24.21 -6.62 23.68
N LEU B 295 25.12 -5.65 23.86
CA LEU B 295 26.47 -5.72 23.28
C LEU B 295 27.27 -6.91 23.80
N LEU B 296 27.05 -7.24 25.07
CA LEU B 296 27.61 -8.44 25.67
C LEU B 296 27.26 -9.69 24.86
N GLU B 297 26.03 -9.74 24.35
CA GLU B 297 25.59 -10.88 23.57
C GLU B 297 26.15 -10.85 22.15
N ILE B 298 26.05 -9.69 21.51
CA ILE B 298 26.39 -9.55 20.09
C ILE B 298 27.90 -9.60 19.86
N PHE B 299 28.65 -8.82 20.63
CA PHE B 299 30.06 -8.61 20.35
C PHE B 299 31.01 -9.30 21.33
N THR B 300 30.45 -10.04 22.29
CA THR B 300 31.25 -10.72 23.30
C THR B 300 30.89 -12.20 23.45
N ASP B 301 31.92 -12.98 23.75
CA ASP B 301 31.78 -14.42 23.95
C ASP B 301 31.21 -14.71 25.33
N ALA B 302 31.09 -13.66 26.16
CA ALA B 302 30.62 -13.80 27.54
C ALA B 302 29.15 -14.19 27.61
N GLY B 303 28.85 -15.18 28.46
CA GLY B 303 27.50 -15.71 28.58
C GLY B 303 26.57 -14.87 29.42
N ILE B 304 25.49 -14.41 28.80
CA ILE B 304 24.48 -13.58 29.46
C ILE B 304 23.11 -14.20 29.29
N GLY B 305 23.04 -15.28 28.53
CA GLY B 305 21.78 -15.98 28.31
C GLY B 305 21.92 -17.19 27.42
N THR B 306 20.83 -17.92 27.27
CA THR B 306 20.79 -19.12 26.45
C THR B 306 20.40 -18.76 25.02
N MET B 307 21.18 -19.26 24.06
CA MET B 307 20.84 -19.09 22.66
C MET B 307 20.14 -20.34 22.15
N ILE B 308 18.94 -20.16 21.61
CA ILE B 308 18.17 -21.26 21.03
C ILE B 308 18.17 -21.17 19.50
N VAL B 309 18.67 -22.21 18.84
CA VAL B 309 18.68 -22.31 17.38
C VAL B 309 17.45 -23.14 16.90
N GLY B 310 17.17 -23.33 15.61
CA GLY B 310 18.10 -23.46 14.53
C GLY B 310 17.98 -24.95 14.26
N SER B 311 19.03 -25.70 14.63
CA SER B 311 19.08 -27.15 14.48
C SER B 311 18.05 -27.86 15.37
N GLU C 27 -30.76 23.28 5.87
CA GLU C 27 -29.65 22.59 5.26
C GLU C 27 -28.36 23.22 5.73
N ALA C 28 -27.57 23.71 4.77
CA ALA C 28 -27.76 25.04 4.23
C ALA C 28 -27.31 25.16 2.79
N GLY C 29 -27.51 24.09 2.02
CA GLY C 29 -26.82 23.88 0.75
C GLY C 29 -27.43 22.80 -0.10
N ALA C 30 -27.04 22.79 -1.37
CA ALA C 30 -27.92 22.50 -2.49
C ALA C 30 -27.68 21.16 -3.20
N ALA C 31 -26.49 21.03 -3.79
CA ALA C 31 -26.13 19.81 -4.52
C ALA C 31 -25.27 18.89 -3.67
N ASP C 32 -25.71 17.64 -3.52
CA ASP C 32 -24.89 16.60 -2.93
C ASP C 32 -25.58 15.24 -2.99
N ARG C 33 -25.13 14.40 -3.92
CA ARG C 33 -23.98 14.71 -4.74
C ARG C 33 -22.70 14.16 -4.13
N VAL C 34 -22.20 14.84 -3.10
CA VAL C 34 -21.15 14.29 -2.25
C VAL C 34 -21.55 12.94 -1.67
N ARG C 35 -22.77 12.87 -1.13
CA ARG C 35 -23.29 11.64 -0.56
C ARG C 35 -23.27 10.48 -1.56
N ILE C 36 -23.62 10.77 -2.81
CA ILE C 36 -23.66 9.78 -3.89
C ILE C 36 -22.24 9.42 -4.34
N LEU C 37 -21.32 10.38 -4.20
CA LEU C 37 -19.91 10.18 -4.53
C LEU C 37 -19.25 9.24 -3.53
N SER C 38 -19.44 9.52 -2.25
CA SER C 38 -18.97 8.68 -1.16
C SER C 38 -19.42 7.23 -1.33
N GLU C 39 -20.53 7.05 -2.04
CA GLU C 39 -21.09 5.72 -2.25
C GLU C 39 -20.36 4.95 -3.34
N ALA C 40 -19.53 5.65 -4.12
CA ALA C 40 -18.73 5.00 -5.17
C ALA C 40 -17.46 4.35 -4.62
N LEU C 41 -17.11 4.75 -3.39
CA LEU C 41 -15.87 4.34 -2.72
C LEU C 41 -15.58 2.83 -2.75
N PRO C 42 -16.58 1.98 -2.43
CA PRO C 42 -16.32 0.55 -2.44
C PRO C 42 -15.90 0.04 -3.83
N TYR C 43 -16.55 0.52 -4.88
CA TYR C 43 -16.20 0.13 -6.25
C TYR C 43 -14.83 0.69 -6.62
N LEU C 44 -14.59 1.95 -6.25
CA LEU C 44 -13.30 2.63 -6.47
C LEU C 44 -12.14 1.86 -5.86
N GLN C 45 -12.37 1.32 -4.66
CA GLN C 45 -11.40 0.47 -3.99
C GLN C 45 -11.28 -0.87 -4.70
N GLN C 46 -12.43 -1.39 -5.16
CA GLN C 46 -12.52 -2.74 -5.67
C GLN C 46 -11.70 -2.94 -6.93
N PHE C 47 -11.72 -1.93 -7.79
CA PHE C 47 -10.97 -1.97 -9.02
C PHE C 47 -9.86 -0.91 -9.05
N ALA C 48 -9.25 -0.65 -7.89
CA ALA C 48 -8.18 0.34 -7.79
C ALA C 48 -6.88 -0.18 -8.38
N GLY C 49 -6.33 0.55 -9.34
CA GLY C 49 -5.09 0.18 -10.01
C GLY C 49 -5.24 -0.90 -11.07
N ARG C 50 -6.49 -1.30 -11.33
CA ARG C 50 -6.74 -2.38 -12.28
C ARG C 50 -6.73 -1.90 -13.72
N THR C 51 -6.52 -2.84 -14.65
CA THR C 51 -6.48 -2.56 -16.08
C THR C 51 -7.79 -2.98 -16.74
N VAL C 52 -8.32 -2.09 -17.59
CA VAL C 52 -9.60 -2.33 -18.25
C VAL C 52 -9.48 -2.08 -19.75
N VAL C 53 -9.70 -3.13 -20.55
CA VAL C 53 -9.68 -3.00 -22.00
C VAL C 53 -11.10 -2.92 -22.53
N VAL C 54 -11.43 -1.80 -23.17
CA VAL C 54 -12.76 -1.53 -23.66
C VAL C 54 -12.79 -1.56 -25.19
N LYS C 55 -13.80 -2.23 -25.75
CA LYS C 55 -14.03 -2.24 -27.18
C LYS C 55 -15.03 -1.16 -27.57
N TYR C 56 -14.52 0.02 -27.91
CA TYR C 56 -15.35 1.17 -28.30
C TYR C 56 -15.80 1.01 -29.75
N GLY C 57 -17.11 0.78 -29.94
CA GLY C 57 -17.63 0.52 -31.29
C GLY C 57 -19.12 0.65 -31.54
N GLY C 58 -19.47 0.91 -32.80
CA GLY C 58 -20.85 0.91 -33.27
C GLY C 58 -21.75 1.97 -32.66
N ALA C 59 -22.61 1.54 -31.74
CA ALA C 59 -23.63 2.40 -31.13
C ALA C 59 -23.03 3.60 -30.38
N ALA C 60 -22.11 3.33 -29.46
CA ALA C 60 -21.49 4.37 -28.67
C ALA C 60 -20.45 5.17 -29.49
N MET C 61 -20.28 4.78 -30.74
CA MET C 61 -19.30 5.42 -31.62
C MET C 61 -19.93 6.40 -32.61
N LYS C 62 -21.13 6.07 -33.10
CA LYS C 62 -21.84 6.91 -34.05
C LYS C 62 -22.54 8.08 -33.37
N GLN C 63 -23.36 7.79 -32.36
CA GLN C 63 -24.13 8.81 -31.65
C GLN C 63 -23.24 9.69 -30.79
N GLU C 64 -23.25 10.99 -31.09
CA GLU C 64 -22.44 11.97 -30.35
C GLU C 64 -22.67 11.90 -28.85
N GLU C 65 -23.94 12.03 -28.44
CA GLU C 65 -24.29 11.98 -27.03
C GLU C 65 -23.61 10.82 -26.33
N LEU C 66 -23.53 9.68 -27.03
CA LEU C 66 -22.91 8.49 -26.47
C LEU C 66 -21.37 8.51 -26.59
N LYS C 67 -20.88 8.94 -27.76
CA LYS C 67 -19.44 9.03 -28.04
C LYS C 67 -18.74 9.93 -27.04
N GLU C 68 -19.33 11.09 -26.81
CA GLU C 68 -18.80 12.08 -25.88
C GLU C 68 -18.83 11.54 -24.45
N ALA C 69 -19.83 10.73 -24.14
CA ALA C 69 -19.97 10.11 -22.84
C ALA C 69 -18.86 9.10 -22.54
N VAL C 70 -18.53 8.27 -23.54
CA VAL C 70 -17.49 7.24 -23.39
C VAL C 70 -16.15 7.87 -23.03
N MET C 71 -15.74 8.88 -23.80
CA MET C 71 -14.49 9.58 -23.56
C MET C 71 -14.42 10.04 -22.11
N ARG C 72 -15.51 10.64 -21.62
CA ARG C 72 -15.61 11.14 -20.24
C ARG C 72 -15.58 10.03 -19.19
N ASP C 73 -16.02 8.82 -19.56
CA ASP C 73 -15.88 7.64 -18.71
C ASP C 73 -14.43 7.16 -18.70
N ILE C 74 -13.86 7.03 -19.91
CA ILE C 74 -12.48 6.56 -20.09
C ILE C 74 -11.50 7.43 -19.31
N VAL C 75 -11.62 8.75 -19.48
CA VAL C 75 -10.73 9.69 -18.79
C VAL C 75 -10.95 9.68 -17.27
N PHE C 76 -12.20 9.51 -16.85
CA PHE C 76 -12.51 9.36 -15.42
C PHE C 76 -11.80 8.16 -14.81
N LEU C 77 -11.92 7.01 -15.49
CA LEU C 77 -11.25 5.78 -15.08
C LEU C 77 -9.75 6.00 -14.91
N ALA C 78 -9.15 6.57 -15.96
CA ALA C 78 -7.74 6.90 -15.97
C ALA C 78 -7.38 7.81 -14.80
N CYS C 79 -8.19 8.84 -14.61
CA CYS C 79 -7.96 9.84 -13.57
C CYS C 79 -7.92 9.21 -12.18
N VAL C 80 -8.87 8.33 -11.91
CA VAL C 80 -9.01 7.65 -10.62
C VAL C 80 -7.80 6.77 -10.25
N GLY C 81 -7.15 6.20 -11.26
CA GLY C 81 -5.98 5.37 -11.03
C GLY C 81 -6.09 3.97 -11.62
N MET C 82 -7.18 3.72 -12.33
CA MET C 82 -7.31 2.51 -13.12
C MET C 82 -6.59 2.70 -14.45
N ARG C 83 -6.39 1.60 -15.17
CA ARG C 83 -5.64 1.65 -16.42
C ARG C 83 -6.52 1.26 -17.60
N PRO C 84 -7.15 2.26 -18.24
CA PRO C 84 -8.06 1.98 -19.34
C PRO C 84 -7.36 1.95 -20.70
N VAL C 85 -7.72 0.96 -21.53
CA VAL C 85 -7.18 0.84 -22.88
C VAL C 85 -8.34 0.74 -23.87
N VAL C 86 -8.36 1.64 -24.84
CA VAL C 86 -9.40 1.63 -25.86
C VAL C 86 -8.91 0.87 -27.09
N VAL C 87 -9.69 -0.14 -27.49
CA VAL C 87 -9.48 -0.84 -28.75
C VAL C 87 -10.70 -0.56 -29.62
N HIS C 88 -10.47 -0.22 -30.89
CA HIS C 88 -11.57 0.18 -31.75
C HIS C 88 -11.49 -0.35 -33.19
N GLY C 89 -12.66 -0.46 -33.81
CA GLY C 89 -12.77 -0.78 -35.22
C GLY C 89 -13.44 0.38 -35.93
N GLY C 90 -14.49 0.09 -36.68
CA GLY C 90 -15.24 1.12 -37.37
C GLY C 90 -15.66 0.72 -38.76
N GLY C 91 -16.40 -0.39 -38.85
CA GLY C 91 -16.96 -0.87 -40.11
C GLY C 91 -17.78 0.20 -40.81
N PRO C 92 -18.85 0.70 -40.17
CA PRO C 92 -19.67 1.80 -40.70
C PRO C 92 -18.86 3.00 -41.16
N GLU C 93 -17.83 3.34 -40.40
CA GLU C 93 -16.92 4.44 -40.74
C GLU C 93 -16.16 4.14 -42.04
N ILE C 94 -15.70 2.90 -42.18
CA ILE C 94 -15.04 2.47 -43.40
C ILE C 94 -16.02 2.63 -44.54
N ASN C 95 -17.18 1.97 -44.43
CA ASN C 95 -18.23 1.96 -45.45
C ASN C 95 -18.39 3.27 -46.20
N ALA C 96 -18.38 4.37 -45.44
CA ALA C 96 -18.46 5.71 -46.01
C ALA C 96 -17.41 5.96 -47.10
N TRP C 97 -16.14 5.91 -46.71
CA TRP C 97 -15.03 6.27 -47.60
C TRP C 97 -14.86 5.35 -48.81
N LEU C 98 -15.20 4.07 -48.63
CA LEU C 98 -15.16 3.09 -49.72
C LEU C 98 -16.13 3.51 -50.83
N GLY C 99 -17.30 4.00 -50.43
CA GLY C 99 -18.28 4.54 -51.36
C GLY C 99 -17.91 5.93 -51.85
N ARG C 100 -16.67 6.34 -51.61
CA ARG C 100 -16.16 7.62 -52.09
C ARG C 100 -14.91 7.47 -52.94
N VAL C 101 -14.51 6.22 -53.16
CA VAL C 101 -13.46 5.89 -54.13
C VAL C 101 -14.07 4.95 -55.18
N GLY C 102 -15.36 4.68 -55.02
CA GLY C 102 -16.11 3.85 -55.95
C GLY C 102 -15.89 2.37 -55.74
N ILE C 103 -15.66 1.98 -54.48
CA ILE C 103 -15.56 0.58 -54.08
C ILE C 103 -16.81 0.21 -53.28
N GLU C 104 -17.20 -1.06 -53.34
CA GLU C 104 -18.45 -1.53 -52.74
C GLU C 104 -18.21 -2.33 -51.46
N PRO C 105 -19.02 -2.08 -50.42
CA PRO C 105 -18.95 -2.90 -49.20
C PRO C 105 -19.43 -4.33 -49.44
N GLN C 106 -18.71 -5.29 -48.86
CA GLN C 106 -19.07 -6.70 -48.90
C GLN C 106 -18.50 -7.43 -47.69
N PHE C 107 -19.32 -8.23 -47.04
CA PHE C 107 -18.91 -8.97 -45.84
C PHE C 107 -19.26 -10.45 -45.97
N HIS C 108 -18.31 -11.31 -45.57
CA HIS C 108 -18.49 -12.75 -45.64
C HIS C 108 -18.82 -13.40 -44.30
N ASN C 109 -20.11 -13.44 -43.97
CA ASN C 109 -20.62 -14.09 -42.76
C ASN C 109 -19.73 -13.86 -41.54
N GLY C 110 -19.38 -12.60 -41.32
CA GLY C 110 -18.47 -12.21 -40.25
C GLY C 110 -17.54 -11.10 -40.72
N LEU C 111 -16.40 -11.49 -41.28
CA LEU C 111 -15.36 -10.56 -41.72
C LEU C 111 -15.76 -9.72 -42.95
N ARG C 112 -15.09 -8.58 -43.12
CA ARG C 112 -15.28 -7.74 -44.30
C ARG C 112 -14.29 -8.14 -45.39
N VAL C 113 -14.83 -8.59 -46.52
CA VAL C 113 -14.03 -9.13 -47.63
C VAL C 113 -13.13 -8.06 -48.25
N THR C 114 -11.86 -8.08 -47.87
CA THR C 114 -10.98 -6.97 -48.18
C THR C 114 -9.78 -7.30 -49.07
N ASP C 115 -9.86 -6.85 -50.33
CA ASP C 115 -8.76 -7.00 -51.27
C ASP C 115 -7.66 -5.97 -50.99
N ALA C 116 -6.63 -5.96 -51.85
CA ALA C 116 -5.50 -5.04 -51.71
C ALA C 116 -5.92 -3.58 -51.79
N ASP C 117 -6.90 -3.28 -52.65
CA ASP C 117 -7.39 -1.92 -52.82
C ASP C 117 -8.25 -1.45 -51.64
N THR C 118 -9.13 -2.32 -51.15
CA THR C 118 -10.01 -1.98 -50.02
C THR C 118 -9.27 -1.95 -48.69
N MET C 119 -8.21 -2.75 -48.57
CA MET C 119 -7.35 -2.75 -47.38
C MET C 119 -6.80 -1.33 -47.15
N GLU C 120 -6.21 -0.77 -48.19
CA GLU C 120 -5.62 0.56 -48.16
C GLU C 120 -6.56 1.59 -47.56
N VAL C 121 -7.85 1.44 -47.86
CA VAL C 121 -8.90 2.32 -47.36
C VAL C 121 -9.18 2.06 -45.87
N VAL C 122 -9.22 0.79 -45.48
CA VAL C 122 -9.42 0.37 -44.09
C VAL C 122 -8.38 1.01 -43.16
N GLU C 123 -7.11 0.81 -43.48
CA GLU C 123 -6.01 1.40 -42.73
C GLU C 123 -6.19 2.91 -42.62
N MET C 124 -6.32 3.58 -43.75
CA MET C 124 -6.46 5.03 -43.78
C MET C 124 -7.55 5.56 -42.86
N VAL C 125 -8.69 4.87 -42.85
CA VAL C 125 -9.84 5.25 -42.04
C VAL C 125 -9.61 4.96 -40.56
N LEU C 126 -9.25 3.71 -40.26
CA LEU C 126 -9.14 3.26 -38.87
C LEU C 126 -7.95 3.87 -38.14
N VAL C 127 -6.78 3.84 -38.78
CA VAL C 127 -5.56 4.36 -38.16
C VAL C 127 -5.51 5.88 -38.25
N GLY C 128 -5.86 6.41 -39.42
CA GLY C 128 -5.76 7.84 -39.67
C GLY C 128 -6.90 8.67 -39.13
N ARG C 129 -8.13 8.34 -39.52
CA ARG C 129 -9.28 9.20 -39.24
C ARG C 129 -9.97 8.90 -37.91
N VAL C 130 -10.23 7.62 -37.65
CA VAL C 130 -10.98 7.22 -36.46
C VAL C 130 -10.11 7.28 -35.19
N ASN C 131 -8.96 6.61 -35.23
CA ASN C 131 -8.04 6.53 -34.09
C ASN C 131 -7.70 7.89 -33.49
N LYS C 132 -7.30 8.82 -34.36
CA LYS C 132 -6.95 10.16 -33.95
C LYS C 132 -8.16 10.98 -33.48
N ASP C 133 -9.36 10.61 -33.92
CA ASP C 133 -10.57 11.26 -33.42
C ASP C 133 -10.76 10.93 -31.94
N ILE C 134 -10.58 9.66 -31.61
CA ILE C 134 -10.71 9.16 -30.25
C ILE C 134 -9.63 9.76 -29.36
N VAL C 135 -8.40 9.75 -29.85
CA VAL C 135 -7.25 10.36 -29.16
C VAL C 135 -7.51 11.85 -28.96
N SER C 136 -7.92 12.52 -30.03
CA SER C 136 -8.21 13.95 -30.03
C SER C 136 -9.22 14.33 -28.95
N ARG C 137 -10.29 13.55 -28.86
CA ARG C 137 -11.36 13.78 -27.88
C ARG C 137 -10.89 13.64 -26.45
N ILE C 138 -10.25 12.51 -26.16
CA ILE C 138 -9.68 12.23 -24.84
C ILE C 138 -8.74 13.35 -24.39
N ASN C 139 -7.82 13.75 -25.27
CA ASN C 139 -6.90 14.83 -25.01
C ASN C 139 -7.60 16.12 -24.60
N THR C 140 -8.65 16.47 -25.34
CA THR C 140 -9.43 17.68 -25.04
C THR C 140 -10.27 17.51 -23.78
N THR C 141 -10.63 16.26 -23.48
CA THR C 141 -11.38 15.94 -22.27
C THR C 141 -10.50 16.00 -21.03
N GLY C 142 -9.18 15.96 -21.25
CA GLY C 142 -8.22 16.13 -20.16
C GLY C 142 -7.39 14.91 -19.83
N GLY C 143 -7.50 13.87 -20.65
CA GLY C 143 -6.60 12.74 -20.53
C GLY C 143 -5.41 12.95 -21.45
N ARG C 144 -4.47 12.01 -21.40
CA ARG C 144 -3.39 11.97 -22.37
C ARG C 144 -3.49 10.66 -23.14
N ALA C 145 -4.16 10.71 -24.28
CA ALA C 145 -4.31 9.53 -25.12
C ALA C 145 -3.11 9.38 -26.05
N VAL C 146 -2.70 8.13 -26.27
CA VAL C 146 -1.67 7.83 -27.25
C VAL C 146 -2.22 6.75 -28.18
N GLY C 147 -2.34 7.11 -29.45
CA GLY C 147 -2.97 6.25 -30.45
C GLY C 147 -2.03 5.27 -31.10
N PHE C 148 -2.48 4.03 -31.24
CA PHE C 148 -1.69 2.98 -31.88
C PHE C 148 -2.49 2.15 -32.85
N CYS C 149 -1.77 1.40 -33.66
CA CYS C 149 -2.32 0.26 -34.39
C CYS C 149 -1.33 -0.89 -34.21
N GLY C 150 -1.77 -2.11 -34.51
CA GLY C 150 -0.95 -3.30 -34.32
C GLY C 150 0.51 -3.13 -34.71
N THR C 151 0.73 -2.52 -35.88
CA THR C 151 2.05 -2.38 -36.50
C THR C 151 3.02 -1.47 -35.74
N ASP C 152 2.53 -0.73 -34.76
CA ASP C 152 3.37 0.15 -33.95
C ASP C 152 4.19 -0.62 -32.91
N GLY C 153 5.50 -0.68 -33.13
CA GLY C 153 6.39 -1.46 -32.29
C GLY C 153 5.99 -2.92 -32.19
N ARG C 154 5.42 -3.45 -33.26
CA ARG C 154 4.89 -4.82 -33.30
C ARG C 154 3.96 -5.14 -32.13
N LEU C 155 3.16 -4.15 -31.74
CA LEU C 155 2.17 -4.31 -30.66
C LEU C 155 1.32 -5.54 -30.92
N VAL C 156 0.70 -5.57 -32.11
CA VAL C 156 0.02 -6.76 -32.61
C VAL C 156 0.69 -7.15 -33.91
N LEU C 157 0.99 -8.43 -34.05
CA LEU C 157 1.49 -8.95 -35.31
C LEU C 157 0.49 -9.92 -35.93
N ALA C 158 0.15 -9.67 -37.19
CA ALA C 158 -0.93 -10.37 -37.86
C ALA C 158 -0.46 -11.55 -38.71
N ARG C 159 -1.38 -12.50 -38.88
CA ARG C 159 -1.23 -13.60 -39.84
C ARG C 159 -2.49 -13.63 -40.69
N PRO C 160 -2.43 -14.25 -41.89
CA PRO C 160 -3.67 -14.35 -42.66
C PRO C 160 -4.70 -15.17 -41.90
N HIS C 161 -5.93 -14.67 -41.83
CA HIS C 161 -6.99 -15.35 -41.09
C HIS C 161 -7.29 -16.70 -41.71
N ASP C 162 -7.48 -17.72 -40.85
CA ASP C 162 -7.76 -19.09 -41.28
C ASP C 162 -8.73 -19.17 -42.45
N GLN C 163 -9.78 -18.35 -42.40
CA GLN C 163 -10.78 -18.26 -43.46
C GLN C 163 -10.10 -18.00 -44.80
N GLU C 164 -10.28 -18.92 -45.74
CA GLU C 164 -9.68 -18.76 -47.06
C GLU C 164 -10.54 -17.92 -47.99
N GLY C 165 -9.89 -17.09 -48.80
CA GLY C 165 -10.53 -16.35 -49.87
C GLY C 165 -11.10 -14.99 -49.54
N ILE C 166 -11.04 -14.60 -48.27
CA ILE C 166 -11.58 -13.29 -47.85
C ILE C 166 -10.53 -12.18 -47.87
N GLY C 167 -9.49 -12.35 -48.69
CA GLY C 167 -8.48 -11.33 -48.90
C GLY C 167 -7.59 -11.10 -47.69
N PHE C 168 -7.17 -9.84 -47.50
CA PHE C 168 -6.25 -9.48 -46.43
C PHE C 168 -6.93 -9.31 -45.06
N VAL C 169 -7.75 -10.27 -44.67
CA VAL C 169 -8.31 -10.30 -43.33
C VAL C 169 -7.34 -11.03 -42.42
N GLY C 170 -7.03 -10.40 -41.28
CA GLY C 170 -6.00 -10.90 -40.38
C GLY C 170 -6.50 -11.54 -39.10
N GLU C 171 -5.63 -12.35 -38.52
CA GLU C 171 -5.82 -12.91 -37.18
C GLU C 171 -4.59 -12.57 -36.35
N VAL C 172 -4.80 -12.38 -35.05
CA VAL C 172 -3.70 -12.01 -34.16
C VAL C 172 -2.74 -13.18 -34.00
N ASN C 173 -1.53 -13.01 -34.51
CA ASN C 173 -0.50 -14.04 -34.37
C ASN C 173 0.30 -13.93 -33.08
N SER C 174 0.56 -12.69 -32.66
CA SER C 174 1.25 -12.39 -31.41
C SER C 174 0.94 -10.96 -30.93
N VAL C 175 1.01 -10.76 -29.62
CA VAL C 175 0.89 -9.44 -29.03
C VAL C 175 2.13 -9.13 -28.19
N ASN C 176 2.79 -8.02 -28.50
CA ASN C 176 3.89 -7.54 -27.68
C ASN C 176 3.59 -6.19 -27.04
N SER C 177 3.40 -6.21 -25.72
CA SER C 177 3.00 -5.01 -24.97
C SER C 177 4.18 -4.23 -24.40
N GLU C 178 5.39 -4.68 -24.69
CA GLU C 178 6.61 -4.00 -24.25
C GLU C 178 6.59 -2.52 -24.64
N VAL C 179 5.69 -2.19 -25.56
CA VAL C 179 5.60 -0.86 -26.15
C VAL C 179 4.67 0.02 -25.35
N ILE C 180 3.54 -0.55 -24.92
CA ILE C 180 2.47 0.26 -24.35
C ILE C 180 2.39 0.28 -22.81
N GLU C 181 2.89 -0.75 -22.14
CA GLU C 181 2.87 -0.72 -20.67
C GLU C 181 3.78 0.35 -20.05
N PRO C 182 4.90 0.68 -20.73
CA PRO C 182 5.61 1.88 -20.26
C PRO C 182 4.67 3.08 -20.18
N LEU C 183 3.97 3.36 -21.27
CA LEU C 183 3.02 4.47 -21.30
C LEU C 183 1.87 4.29 -20.31
N LEU C 184 1.44 3.04 -20.11
CA LEU C 184 0.33 2.76 -19.22
C LEU C 184 0.65 3.10 -17.79
N GLU C 185 1.89 2.85 -17.40
CA GLU C 185 2.40 3.17 -16.07
C GLU C 185 2.40 4.67 -15.88
N ARG C 186 2.87 5.36 -16.90
CA ARG C 186 2.94 6.82 -16.90
C ARG C 186 1.58 7.50 -17.01
N GLY C 187 0.51 6.72 -16.85
CA GLY C 187 -0.85 7.25 -16.80
C GLY C 187 -1.43 7.71 -18.13
N TYR C 188 -0.85 7.23 -19.23
CA TYR C 188 -1.37 7.51 -20.57
C TYR C 188 -2.51 6.57 -20.92
N ILE C 189 -3.34 6.99 -21.89
CA ILE C 189 -4.46 6.18 -22.40
C ILE C 189 -4.16 5.66 -23.80
N PRO C 190 -3.78 4.37 -23.91
CA PRO C 190 -3.55 3.80 -25.22
C PRO C 190 -4.87 3.58 -25.96
N VAL C 191 -4.89 4.02 -27.22
CA VAL C 191 -6.02 3.78 -28.10
C VAL C 191 -5.48 3.02 -29.30
N ILE C 192 -5.90 1.77 -29.42
CA ILE C 192 -5.40 0.89 -30.48
C ILE C 192 -6.45 0.53 -31.53
N SER C 193 -6.11 0.83 -32.78
CA SER C 193 -6.91 0.39 -33.92
C SER C 193 -6.59 -1.06 -34.26
N SER C 194 -7.58 -1.75 -34.84
CA SER C 194 -7.47 -3.17 -35.15
C SER C 194 -6.94 -3.40 -36.56
N VAL C 195 -5.71 -2.95 -36.78
CA VAL C 195 -5.00 -3.12 -38.05
C VAL C 195 -3.56 -3.47 -37.71
N ALA C 196 -3.10 -4.61 -38.23
CA ALA C 196 -1.74 -5.05 -37.95
C ALA C 196 -1.02 -5.57 -39.19
N ALA C 197 0.29 -5.35 -39.23
CA ALA C 197 1.13 -5.82 -40.32
C ALA C 197 1.69 -7.20 -40.00
N ASP C 198 1.88 -7.99 -41.05
CA ASP C 198 2.53 -9.29 -40.93
C ASP C 198 4.06 -9.12 -40.88
N GLU C 199 4.77 -10.25 -40.78
CA GLU C 199 6.23 -10.25 -40.74
C GLU C 199 6.88 -9.67 -42.01
N ASN C 200 6.09 -9.52 -43.07
CA ASN C 200 6.58 -8.99 -44.33
C ASN C 200 6.37 -7.49 -44.50
N GLY C 201 5.29 -6.97 -43.91
CA GLY C 201 4.97 -5.56 -44.02
C GLY C 201 3.60 -5.26 -44.61
N GLN C 202 2.93 -6.29 -45.10
CA GLN C 202 1.56 -6.12 -45.62
C GLN C 202 0.58 -5.98 -44.46
N SER C 203 -0.34 -5.03 -44.60
CA SER C 203 -1.32 -4.72 -43.57
C SER C 203 -2.47 -5.72 -43.60
N PHE C 204 -3.09 -5.94 -42.45
CA PHE C 204 -4.21 -6.86 -42.33
C PHE C 204 -5.35 -6.28 -41.52
N ASN C 205 -6.56 -6.38 -42.07
CA ASN C 205 -7.76 -6.00 -41.35
C ASN C 205 -8.18 -7.09 -40.37
N ILE C 206 -7.90 -6.87 -39.09
CA ILE C 206 -8.29 -7.82 -38.04
C ILE C 206 -9.58 -7.37 -37.38
N ASN C 207 -10.42 -8.34 -37.00
CA ASN C 207 -11.63 -8.06 -36.22
C ASN C 207 -11.30 -7.30 -34.95
N ALA C 208 -12.08 -6.27 -34.66
CA ALA C 208 -11.84 -5.40 -33.50
C ALA C 208 -11.94 -6.14 -32.17
N ASP C 209 -13.01 -6.91 -31.99
CA ASP C 209 -13.24 -7.65 -30.75
C ASP C 209 -12.07 -8.56 -30.39
N THR C 210 -11.63 -9.38 -31.34
CA THR C 210 -10.53 -10.30 -31.07
C THR C 210 -9.28 -9.54 -30.59
N VAL C 211 -8.95 -8.45 -31.28
CA VAL C 211 -7.80 -7.63 -30.89
C VAL C 211 -7.96 -7.18 -29.44
N ALA C 212 -9.12 -6.64 -29.12
CA ALA C 212 -9.44 -6.24 -27.74
C ALA C 212 -9.18 -7.40 -26.79
N GLY C 213 -9.74 -8.56 -27.09
CA GLY C 213 -9.54 -9.76 -26.29
C GLY C 213 -8.08 -10.14 -26.12
N GLU C 214 -7.33 -10.09 -27.23
CA GLU C 214 -5.92 -10.48 -27.24
C GLU C 214 -5.02 -9.44 -26.55
N ILE C 215 -5.33 -8.16 -26.75
CA ILE C 215 -4.67 -7.08 -26.01
C ILE C 215 -4.92 -7.28 -24.51
N ALA C 216 -6.19 -7.46 -24.15
CA ALA C 216 -6.60 -7.71 -22.77
C ALA C 216 -5.87 -8.90 -22.15
N ALA C 217 -5.74 -9.98 -22.91
CA ALA C 217 -5.05 -11.16 -22.46
C ALA C 217 -3.57 -10.87 -22.22
N ALA C 218 -2.96 -10.15 -23.15
CA ALA C 218 -1.53 -9.82 -23.08
C ALA C 218 -1.23 -8.89 -21.92
N LEU C 219 -2.19 -8.04 -21.58
CA LEU C 219 -2.02 -7.09 -20.48
C LEU C 219 -2.48 -7.70 -19.16
N ASN C 220 -2.96 -8.94 -19.22
CA ASN C 220 -3.49 -9.64 -18.06
C ASN C 220 -4.61 -8.83 -17.40
N ALA C 221 -5.42 -8.18 -18.24
CA ALA C 221 -6.45 -7.26 -17.80
C ALA C 221 -7.47 -7.86 -16.85
N GLU C 222 -7.95 -7.05 -15.92
CA GLU C 222 -9.00 -7.44 -14.98
C GLU C 222 -10.33 -7.57 -15.71
N LYS C 223 -10.57 -6.69 -16.68
CA LYS C 223 -11.83 -6.67 -17.41
C LYS C 223 -11.65 -6.42 -18.91
N LEU C 224 -12.36 -7.22 -19.70
CA LEU C 224 -12.50 -6.97 -21.11
C LEU C 224 -13.95 -6.58 -21.34
N ILE C 225 -14.17 -5.31 -21.67
CA ILE C 225 -15.54 -4.82 -21.84
C ILE C 225 -15.84 -4.48 -23.30
N LEU C 226 -16.79 -5.23 -23.86
CA LEU C 226 -17.22 -5.03 -25.24
C LEU C 226 -18.50 -4.22 -25.28
N LEU C 227 -18.39 -3.01 -25.83
CA LEU C 227 -19.57 -2.19 -26.11
C LEU C 227 -20.28 -2.76 -27.32
N THR C 228 -21.60 -2.88 -27.23
CA THR C 228 -22.39 -3.48 -28.31
C THR C 228 -23.85 -2.98 -28.32
N ASP C 229 -24.52 -3.21 -29.44
CA ASP C 229 -25.89 -2.75 -29.67
C ASP C 229 -26.94 -3.74 -29.12
N THR C 230 -26.56 -4.49 -28.09
CA THR C 230 -27.45 -5.47 -27.46
C THR C 230 -27.38 -5.35 -25.95
N ARG C 231 -28.53 -5.49 -25.29
CA ARG C 231 -28.62 -5.40 -23.83
C ARG C 231 -27.90 -6.53 -23.10
N GLY C 232 -27.07 -7.27 -23.84
CA GLY C 232 -26.32 -8.39 -23.29
C GLY C 232 -26.70 -9.70 -23.95
N ILE C 233 -26.68 -10.78 -23.16
CA ILE C 233 -27.13 -12.08 -23.62
C ILE C 233 -28.47 -12.41 -22.96
N LEU C 234 -29.50 -12.51 -23.77
CA LEU C 234 -30.85 -12.82 -23.30
C LEU C 234 -31.10 -14.31 -23.20
N GLU C 235 -31.69 -14.74 -22.07
CA GLU C 235 -32.15 -16.12 -21.89
C GLU C 235 -33.25 -16.47 -22.89
N ASP C 236 -34.02 -15.45 -23.27
CA ASP C 236 -34.97 -15.53 -24.38
C ASP C 236 -34.82 -14.30 -25.27
N PRO C 237 -34.47 -14.49 -26.55
CA PRO C 237 -34.29 -13.36 -27.47
C PRO C 237 -35.59 -12.57 -27.65
N LYS C 238 -36.72 -13.27 -27.54
CA LYS C 238 -38.04 -12.66 -27.61
C LYS C 238 -38.33 -11.80 -26.38
N ARG C 239 -37.73 -12.14 -25.25
CA ARG C 239 -37.92 -11.41 -24.01
C ARG C 239 -36.73 -10.49 -23.69
N PRO C 240 -36.91 -9.17 -23.85
CA PRO C 240 -35.85 -8.18 -23.61
C PRO C 240 -35.38 -8.08 -22.16
N GLU C 241 -36.16 -8.63 -21.22
CA GLU C 241 -35.85 -8.55 -19.79
C GLU C 241 -35.42 -9.90 -19.18
N SER C 242 -34.98 -10.82 -20.04
CA SER C 242 -34.46 -12.11 -19.60
C SER C 242 -32.94 -12.07 -19.45
N LEU C 243 -32.40 -10.85 -19.45
CA LEU C 243 -30.95 -10.61 -19.42
C LEU C 243 -30.26 -11.42 -18.34
N ILE C 244 -29.39 -12.32 -18.78
CA ILE C 244 -28.59 -13.14 -17.88
C ILE C 244 -27.46 -12.25 -17.31
N PRO C 245 -27.33 -12.21 -15.97
CA PRO C 245 -26.33 -11.35 -15.34
C PRO C 245 -24.91 -11.89 -15.48
N ARG C 246 -24.73 -13.18 -15.15
CA ARG C 246 -23.43 -13.84 -15.26
C ARG C 246 -23.56 -15.24 -15.83
N LEU C 247 -22.50 -15.70 -16.48
CA LEU C 247 -22.36 -17.08 -16.95
C LEU C 247 -20.89 -17.37 -17.17
N ASN C 248 -20.43 -18.52 -16.69
CA ASN C 248 -19.05 -18.97 -16.89
C ASN C 248 -18.84 -19.60 -18.27
N ILE C 249 -17.65 -20.14 -18.51
CA ILE C 249 -17.33 -20.71 -19.83
C ILE C 249 -18.23 -21.89 -20.25
N PRO C 250 -18.37 -22.93 -19.39
CA PRO C 250 -19.25 -24.03 -19.78
C PRO C 250 -20.68 -23.57 -20.08
N GLN C 251 -21.22 -22.68 -19.23
CA GLN C 251 -22.56 -22.12 -19.40
C GLN C 251 -22.70 -21.36 -20.71
N SER C 252 -21.62 -20.70 -21.13
CA SER C 252 -21.61 -19.95 -22.38
C SER C 252 -21.52 -20.89 -23.57
N ARG C 253 -20.57 -21.84 -23.50
CA ARG C 253 -20.38 -22.85 -24.54
C ARG C 253 -21.66 -23.61 -24.84
N GLU C 254 -22.43 -23.85 -23.78
CA GLU C 254 -23.76 -24.44 -23.83
C GLU C 254 -24.71 -23.68 -24.75
N LEU C 255 -24.86 -22.38 -24.50
CA LEU C 255 -25.77 -21.52 -25.27
C LEU C 255 -25.51 -21.58 -26.78
N ILE C 256 -24.24 -21.68 -27.17
CA ILE C 256 -23.84 -21.77 -28.57
C ILE C 256 -24.38 -23.04 -29.25
N ALA C 257 -24.55 -24.09 -28.46
CA ALA C 257 -25.08 -25.38 -28.94
C ALA C 257 -26.61 -25.41 -28.92
N GLN C 258 -27.20 -24.78 -27.90
CA GLN C 258 -28.66 -24.69 -27.76
C GLN C 258 -29.26 -23.62 -28.67
N GLY C 259 -28.39 -22.87 -29.37
CA GLY C 259 -28.84 -21.89 -30.35
C GLY C 259 -29.29 -20.56 -29.76
N ILE C 260 -29.46 -20.51 -28.44
CA ILE C 260 -29.85 -19.28 -27.74
C ILE C 260 -28.89 -18.14 -28.09
N VAL C 261 -27.58 -18.41 -27.97
CA VAL C 261 -26.54 -17.49 -28.41
C VAL C 261 -26.32 -17.65 -29.90
N GLY C 262 -26.84 -16.69 -30.67
CA GLY C 262 -26.80 -16.77 -32.13
C GLY C 262 -26.31 -15.50 -32.79
N GLY C 263 -26.36 -15.49 -34.12
CA GLY C 263 -25.92 -14.36 -34.92
C GLY C 263 -24.44 -14.09 -34.76
N GLY C 264 -24.13 -12.82 -34.49
CA GLY C 264 -22.76 -12.35 -34.33
C GLY C 264 -22.47 -11.94 -32.90
N MET C 265 -23.39 -12.31 -32.03
CA MET C 265 -23.13 -12.61 -30.63
C MET C 265 -22.16 -13.80 -30.52
N ILE C 266 -22.31 -14.77 -31.42
CA ILE C 266 -21.48 -15.98 -31.41
C ILE C 266 -19.97 -15.69 -31.37
N PRO C 267 -19.44 -14.96 -32.37
CA PRO C 267 -18.01 -14.61 -32.34
C PRO C 267 -17.63 -13.71 -31.17
N LYS C 268 -18.55 -12.86 -30.75
CA LYS C 268 -18.34 -12.02 -29.58
C LYS C 268 -18.19 -12.88 -28.33
N VAL C 269 -19.11 -13.82 -28.13
CA VAL C 269 -19.03 -14.74 -26.99
C VAL C 269 -17.78 -15.61 -27.09
N ASP C 270 -17.46 -16.04 -28.31
CA ASP C 270 -16.21 -16.76 -28.58
C ASP C 270 -15.00 -15.97 -28.08
N CYS C 271 -14.95 -14.71 -28.47
CA CYS C 271 -13.89 -13.79 -28.06
C CYS C 271 -13.68 -13.78 -26.54
N CYS C 272 -14.75 -13.50 -25.81
CA CYS C 272 -14.73 -13.49 -24.34
C CYS C 272 -14.15 -14.77 -23.76
N ILE C 273 -14.67 -15.91 -24.20
CA ILE C 273 -14.17 -17.22 -23.77
C ILE C 273 -12.67 -17.36 -24.05
N ARG C 274 -12.29 -17.08 -25.30
CA ARG C 274 -10.90 -17.16 -25.72
C ARG C 274 -10.01 -16.26 -24.88
N SER C 275 -10.52 -15.07 -24.57
CA SER C 275 -9.80 -14.09 -23.77
C SER C 275 -9.73 -14.49 -22.30
N LEU C 276 -10.87 -14.93 -21.75
CA LEU C 276 -10.95 -15.37 -20.36
C LEU C 276 -10.04 -16.55 -20.06
N ALA C 277 -9.98 -17.48 -21.02
CA ALA C 277 -9.14 -18.67 -20.91
C ALA C 277 -7.68 -18.29 -20.68
N GLN C 278 -7.25 -17.20 -21.31
CA GLN C 278 -5.84 -16.79 -21.30
C GLN C 278 -5.35 -16.17 -20.00
N GLY C 279 -6.29 -15.76 -19.13
CA GLY C 279 -5.91 -15.17 -17.84
C GLY C 279 -6.84 -14.08 -17.36
N VAL C 280 -7.52 -13.41 -18.30
CA VAL C 280 -8.43 -12.32 -17.98
C VAL C 280 -9.45 -12.76 -16.93
N ARG C 281 -9.72 -11.88 -15.96
CA ARG C 281 -10.56 -12.22 -14.82
C ARG C 281 -12.07 -12.07 -15.07
N ALA C 282 -12.45 -11.20 -16.01
CA ALA C 282 -13.86 -10.97 -16.34
C ALA C 282 -14.04 -10.36 -17.72
N ALA C 283 -15.05 -10.85 -18.44
CA ALA C 283 -15.41 -10.30 -19.74
C ALA C 283 -16.86 -9.80 -19.73
N HIS C 284 -17.08 -8.58 -20.19
CA HIS C 284 -18.40 -7.95 -20.13
C HIS C 284 -18.91 -7.59 -21.51
N ILE C 285 -20.11 -8.07 -21.82
CA ILE C 285 -20.80 -7.73 -23.05
C ILE C 285 -21.93 -6.77 -22.66
N ILE C 286 -21.65 -5.48 -22.79
CA ILE C 286 -22.53 -4.41 -22.27
C ILE C 286 -23.35 -3.73 -23.36
N ASP C 287 -24.42 -3.05 -22.95
CA ASP C 287 -25.28 -2.30 -23.87
C ASP C 287 -24.72 -0.90 -24.12
N GLY C 288 -23.81 -0.80 -25.09
CA GLY C 288 -23.17 0.47 -25.45
C GLY C 288 -24.13 1.53 -25.95
N ARG C 289 -25.39 1.15 -26.11
CA ARG C 289 -26.43 2.03 -26.65
C ARG C 289 -26.87 3.10 -25.65
N ILE C 290 -26.60 2.88 -24.37
CA ILE C 290 -27.06 3.80 -23.33
C ILE C 290 -25.93 4.66 -22.75
N PRO C 291 -26.20 5.96 -22.53
CA PRO C 291 -25.23 6.93 -22.01
C PRO C 291 -24.46 6.45 -20.79
N HIS C 292 -23.13 6.63 -20.84
CA HIS C 292 -22.22 6.24 -19.77
C HIS C 292 -22.30 4.76 -19.43
N ALA C 293 -22.39 3.92 -20.46
CA ALA C 293 -22.53 2.48 -20.29
C ALA C 293 -21.41 1.91 -19.43
N LEU C 294 -20.21 2.45 -19.60
CA LEU C 294 -19.04 1.95 -18.88
C LEU C 294 -19.20 2.10 -17.38
N LEU C 295 -19.43 3.34 -16.93
CA LEU C 295 -19.57 3.64 -15.52
C LEU C 295 -20.62 2.78 -14.84
N LEU C 296 -21.76 2.62 -15.52
CA LEU C 296 -22.87 1.82 -14.99
C LEU C 296 -22.47 0.36 -14.75
N GLU C 297 -21.50 -0.12 -15.52
CA GLU C 297 -20.96 -1.47 -15.32
C GLU C 297 -19.97 -1.52 -14.15
N ILE C 298 -19.02 -0.59 -14.16
CA ILE C 298 -17.93 -0.58 -13.18
C ILE C 298 -18.40 -0.19 -11.78
N PHE C 299 -19.16 0.90 -11.67
CA PHE C 299 -19.49 1.50 -10.37
C PHE C 299 -20.94 1.30 -9.92
N THR C 300 -21.72 0.59 -10.74
CA THR C 300 -23.13 0.37 -10.43
C THR C 300 -23.51 -1.10 -10.52
N ASP C 301 -24.46 -1.48 -9.67
CA ASP C 301 -25.00 -2.84 -9.62
C ASP C 301 -26.02 -3.05 -10.74
N ALA C 302 -26.38 -1.97 -11.44
CA ALA C 302 -27.39 -2.01 -12.50
C ALA C 302 -26.92 -2.81 -13.71
N GLY C 303 -27.80 -3.71 -14.19
CA GLY C 303 -27.47 -4.61 -15.29
C GLY C 303 -27.53 -3.95 -16.67
N ILE C 304 -26.39 -3.94 -17.35
CA ILE C 304 -26.26 -3.36 -18.68
C ILE C 304 -25.71 -4.39 -19.67
N GLY C 305 -25.37 -5.56 -19.14
CA GLY C 305 -24.87 -6.65 -19.96
C GLY C 305 -24.52 -7.88 -19.18
N THR C 306 -24.11 -8.92 -19.89
CA THR C 306 -23.73 -10.18 -19.28
C THR C 306 -22.23 -10.17 -18.98
N MET C 307 -21.87 -10.52 -17.75
CA MET C 307 -20.47 -10.74 -17.41
C MET C 307 -20.15 -12.23 -17.52
N ILE C 308 -19.07 -12.53 -18.24
CA ILE C 308 -18.61 -13.91 -18.39
C ILE C 308 -17.29 -14.09 -17.66
N VAL C 309 -17.27 -15.03 -16.73
CA VAL C 309 -16.07 -15.32 -15.95
C VAL C 309 -15.34 -16.56 -16.46
N GLY C 310 -14.22 -16.89 -15.81
CA GLY C 310 -13.45 -18.09 -16.14
C GLY C 310 -13.71 -19.25 -15.19
N SER C 311 -14.83 -19.94 -15.40
CA SER C 311 -15.23 -21.07 -14.56
C SER C 311 -15.88 -22.17 -15.39
N MET D 1 -1.71 -46.73 -2.81
CA MET D 1 -1.79 -45.24 -2.72
C MET D 1 -1.28 -44.61 -4.02
N LYS D 2 -1.79 -43.43 -4.36
CA LYS D 2 -1.52 -42.82 -5.67
C LYS D 2 -1.16 -41.33 -5.62
N LYS D 3 -0.36 -40.89 -6.58
CA LYS D 3 0.02 -39.48 -6.68
C LYS D 3 -0.55 -38.84 -7.93
N ILE D 4 -1.54 -37.97 -7.72
CA ILE D 4 -2.14 -37.21 -8.80
C ILE D 4 -1.30 -35.96 -9.04
N GLU D 5 -0.89 -35.77 -10.29
CA GLU D 5 -0.20 -34.56 -10.70
C GLU D 5 -1.04 -33.88 -11.75
N ALA D 6 -1.44 -32.64 -11.47
CA ALA D 6 -2.21 -31.87 -12.44
C ALA D 6 -1.42 -30.67 -12.90
N ILE D 7 -1.09 -30.65 -14.19
CA ILE D 7 -0.48 -29.48 -14.81
C ILE D 7 -1.63 -28.61 -15.30
N ILE D 8 -1.86 -27.50 -14.62
CA ILE D 8 -3.02 -26.65 -14.87
C ILE D 8 -2.68 -25.20 -15.21
N ARG D 9 -3.58 -24.56 -15.97
CA ARG D 9 -3.45 -23.16 -16.32
C ARG D 9 -3.40 -22.30 -15.05
N PRO D 10 -2.42 -21.38 -14.97
CA PRO D 10 -2.10 -20.55 -13.82
C PRO D 10 -3.31 -20.01 -13.05
N PHE D 11 -4.27 -19.40 -13.76
CA PHE D 11 -5.37 -18.71 -13.09
C PHE D 11 -6.31 -19.64 -12.33
N LYS D 12 -6.44 -20.87 -12.82
CA LYS D 12 -7.40 -21.84 -12.28
C LYS D 12 -7.10 -22.31 -10.85
N LEU D 13 -5.83 -22.25 -10.44
CA LEU D 13 -5.36 -22.77 -9.15
C LEU D 13 -6.38 -22.65 -8.00
N ASP D 14 -6.97 -21.47 -7.84
CA ASP D 14 -7.95 -21.25 -6.79
C ASP D 14 -9.19 -22.13 -6.93
N GLU D 15 -9.74 -22.18 -8.14
CA GLU D 15 -10.93 -22.97 -8.42
C GLU D 15 -10.72 -24.47 -8.15
N VAL D 16 -9.53 -24.95 -8.51
CA VAL D 16 -9.15 -26.34 -8.25
C VAL D 16 -8.96 -26.56 -6.75
N LYS D 17 -8.17 -25.70 -6.11
CA LYS D 17 -7.90 -25.81 -4.68
C LYS D 17 -9.20 -25.91 -3.90
N ILE D 18 -10.08 -24.92 -4.11
CA ILE D 18 -11.41 -24.89 -3.51
C ILE D 18 -12.18 -26.19 -3.73
N ALA D 19 -12.20 -26.67 -4.99
CA ALA D 19 -12.88 -27.91 -5.34
C ALA D 19 -12.36 -29.13 -4.57
N LEU D 20 -11.05 -29.17 -4.35
CA LEU D 20 -10.42 -30.30 -3.67
C LEU D 20 -10.64 -30.28 -2.16
N VAL D 21 -10.57 -29.09 -1.57
CA VAL D 21 -10.82 -28.94 -0.15
C VAL D 21 -12.27 -29.28 0.15
N ASN D 22 -13.17 -28.87 -0.75
CA ASN D 22 -14.59 -29.23 -0.66
C ASN D 22 -14.81 -30.73 -0.80
N ALA D 23 -14.04 -31.34 -1.70
CA ALA D 23 -13.99 -32.79 -1.85
C ALA D 23 -13.25 -33.44 -0.69
N GLY D 24 -12.68 -32.61 0.18
CA GLY D 24 -12.03 -33.09 1.40
C GLY D 24 -10.63 -33.62 1.18
N ILE D 25 -9.74 -32.76 0.70
CA ILE D 25 -8.32 -33.11 0.53
C ILE D 25 -7.46 -32.28 1.50
N VAL D 26 -6.49 -32.93 2.15
CA VAL D 26 -5.59 -32.25 3.07
C VAL D 26 -4.31 -31.80 2.37
N GLY D 27 -3.58 -32.76 1.80
CA GLY D 27 -2.23 -32.53 1.27
C GLY D 27 -2.20 -31.99 -0.15
N MET D 28 -1.43 -30.92 -0.32
CA MET D 28 -1.36 -30.24 -1.61
C MET D 28 -0.06 -29.46 -1.74
N THR D 29 0.58 -29.55 -2.91
CA THR D 29 1.74 -28.72 -3.22
C THR D 29 1.66 -28.17 -4.65
N VAL D 30 2.02 -26.90 -4.82
CA VAL D 30 2.12 -26.31 -6.16
C VAL D 30 3.53 -25.86 -6.51
N SER D 31 3.86 -26.00 -7.78
CA SER D 31 5.13 -25.51 -8.29
C SER D 31 4.92 -24.84 -9.64
N GLU D 32 5.79 -23.87 -9.93
CA GLU D 32 5.68 -23.13 -11.18
C GLU D 32 6.45 -23.86 -12.27
N VAL D 33 5.76 -24.10 -13.38
CA VAL D 33 6.26 -24.96 -14.44
C VAL D 33 5.95 -24.35 -15.80
N ARG D 34 6.84 -24.56 -16.76
CA ARG D 34 6.56 -24.27 -18.16
C ARG D 34 6.27 -25.58 -18.85
N GLY D 35 5.30 -25.58 -19.76
CA GLY D 35 4.94 -26.82 -20.46
C GLY D 35 4.51 -26.61 -21.90
N PHE D 36 4.18 -27.73 -22.56
CA PHE D 36 3.54 -27.74 -23.88
C PHE D 36 3.14 -29.16 -24.27
N GLY D 37 1.88 -29.36 -24.65
CA GLY D 37 1.38 -30.70 -24.97
C GLY D 37 0.41 -30.68 -26.13
N ARG D 38 0.82 -30.06 -27.24
CA ARG D 38 -0.11 -29.45 -28.16
C ARG D 38 -0.52 -30.42 -29.26
N GLN D 39 -1.70 -30.19 -29.84
CA GLN D 39 -2.16 -31.00 -30.97
C GLN D 39 -1.73 -30.38 -32.29
N LYS D 40 -1.10 -31.19 -33.14
CA LYS D 40 -0.68 -30.74 -34.47
C LYS D 40 -1.78 -30.98 -35.50
N GLY D 41 -1.94 -30.02 -36.41
CA GLY D 41 -1.04 -28.89 -36.49
C GLY D 41 -1.67 -27.60 -36.00
N GLN D 42 -2.05 -27.59 -34.74
CA GLN D 42 -2.68 -26.40 -34.14
C GLN D 42 -1.86 -25.78 -33.01
N THR D 43 -2.20 -24.52 -32.71
CA THR D 43 -1.42 -23.66 -31.82
C THR D 43 -2.17 -23.40 -30.52
N GLU D 44 -1.41 -23.06 -29.47
CA GLU D 44 -1.97 -22.67 -28.18
C GLU D 44 -1.79 -21.17 -27.96
N ARG D 45 -2.82 -20.51 -27.43
CA ARG D 45 -2.79 -19.08 -27.17
C ARG D 45 -2.34 -18.75 -25.75
N TYR D 46 -1.45 -17.77 -25.63
CA TYR D 46 -0.87 -17.42 -24.34
C TYR D 46 -0.54 -15.93 -24.35
N ARG D 47 -1.06 -15.22 -23.34
CA ARG D 47 -0.93 -13.77 -23.25
C ARG D 47 -1.04 -13.10 -24.63
N GLY D 48 -2.14 -13.39 -25.32
CA GLY D 48 -2.45 -12.79 -26.62
C GLY D 48 -1.74 -13.37 -27.83
N SER D 49 -0.67 -14.12 -27.60
CA SER D 49 0.17 -14.61 -28.69
C SER D 49 -0.05 -16.10 -28.98
N GLU D 50 0.10 -16.46 -30.26
CA GLU D 50 0.01 -17.86 -30.69
C GLU D 50 1.37 -18.54 -30.60
N TYR D 51 1.37 -19.73 -30.00
CA TYR D 51 2.60 -20.51 -29.85
C TYR D 51 2.43 -21.94 -30.36
N THR D 52 3.51 -22.47 -30.94
CA THR D 52 3.48 -23.83 -31.49
C THR D 52 4.21 -24.83 -30.59
N VAL D 53 5.51 -24.64 -30.42
CA VAL D 53 6.37 -25.65 -29.81
C VAL D 53 7.09 -25.14 -28.54
N GLU D 54 7.04 -23.84 -28.31
CA GLU D 54 7.71 -23.21 -27.18
C GLU D 54 7.01 -23.48 -25.85
N PHE D 55 7.77 -23.43 -24.75
CA PHE D 55 7.22 -23.66 -23.42
C PHE D 55 6.40 -22.47 -22.91
N LEU D 56 5.26 -22.76 -22.31
CA LEU D 56 4.41 -21.73 -21.72
C LEU D 56 4.21 -21.95 -20.22
N GLN D 57 3.95 -20.87 -19.49
CA GLN D 57 3.81 -20.92 -18.03
C GLN D 57 2.56 -21.65 -17.58
N LYS D 58 2.74 -22.62 -16.70
CA LYS D 58 1.65 -23.42 -16.15
C LYS D 58 1.90 -23.66 -14.66
N LEU D 59 1.11 -24.56 -14.07
CA LEU D 59 1.25 -24.89 -12.65
C LEU D 59 1.10 -26.38 -12.40
N LYS D 60 2.16 -27.00 -11.89
CA LYS D 60 2.10 -28.38 -11.42
C LYS D 60 1.51 -28.41 -10.02
N LEU D 61 0.49 -29.26 -9.86
CA LEU D 61 -0.26 -29.38 -8.61
C LEU D 61 -0.26 -30.84 -8.16
N GLU D 62 0.33 -31.08 -6.98
CA GLU D 62 0.56 -32.44 -6.48
C GLU D 62 -0.21 -32.77 -5.22
N ILE D 63 -1.08 -33.77 -5.32
CA ILE D 63 -1.82 -34.31 -4.19
C ILE D 63 -1.64 -35.82 -4.17
N VAL D 64 -1.50 -36.41 -2.97
CA VAL D 64 -1.45 -37.87 -2.81
C VAL D 64 -2.77 -38.38 -2.23
N VAL D 65 -3.34 -39.37 -2.89
CA VAL D 65 -4.72 -39.76 -2.66
C VAL D 65 -4.90 -41.28 -2.50
N GLU D 66 -5.82 -41.66 -1.60
CA GLU D 66 -6.17 -43.07 -1.38
C GLU D 66 -6.79 -43.69 -2.63
N ASP D 67 -6.37 -44.91 -2.94
CA ASP D 67 -6.64 -45.57 -4.24
C ASP D 67 -8.06 -45.45 -4.77
N ALA D 68 -9.04 -45.52 -3.85
CA ALA D 68 -10.45 -45.46 -4.21
C ALA D 68 -10.91 -44.08 -4.68
N GLN D 69 -10.25 -43.03 -4.19
CA GLN D 69 -10.63 -41.65 -4.48
C GLN D 69 -10.26 -41.23 -5.91
N VAL D 70 -9.19 -41.81 -6.43
CA VAL D 70 -8.61 -41.45 -7.73
C VAL D 70 -9.64 -41.06 -8.80
N ASP D 71 -10.58 -41.96 -9.07
CA ASP D 71 -11.57 -41.76 -10.14
C ASP D 71 -12.34 -40.44 -10.06
N THR D 72 -13.02 -40.22 -8.94
CA THR D 72 -13.90 -39.05 -8.78
C THR D 72 -13.14 -37.78 -8.40
N VAL D 73 -11.90 -37.93 -7.97
CA VAL D 73 -11.05 -36.77 -7.67
C VAL D 73 -10.55 -36.13 -8.98
N ILE D 74 -10.23 -36.97 -9.96
CA ILE D 74 -9.90 -36.51 -11.31
C ILE D 74 -11.12 -35.80 -11.91
N ASP D 75 -12.28 -36.42 -11.77
CA ASP D 75 -13.55 -35.81 -12.19
C ASP D 75 -13.72 -34.41 -11.60
N LYS D 76 -13.39 -34.26 -10.32
CA LYS D 76 -13.49 -32.98 -9.62
C LYS D 76 -12.50 -31.96 -10.17
N ILE D 77 -11.27 -32.40 -10.43
CA ILE D 77 -10.22 -31.52 -10.98
C ILE D 77 -10.60 -31.04 -12.38
N VAL D 78 -10.80 -31.98 -13.31
CA VAL D 78 -11.10 -31.65 -14.71
C VAL D 78 -12.25 -30.66 -14.81
N ALA D 79 -13.34 -30.91 -14.08
CA ALA D 79 -14.48 -29.99 -14.02
C ALA D 79 -14.04 -28.57 -13.67
N ALA D 80 -13.27 -28.45 -12.60
CA ALA D 80 -12.79 -27.15 -12.13
C ALA D 80 -11.75 -26.49 -13.04
N ALA D 81 -10.88 -27.32 -13.63
CA ALA D 81 -9.69 -26.81 -14.32
C ALA D 81 -9.83 -26.63 -15.84
N ARG D 82 -10.99 -26.97 -16.40
CA ARG D 82 -11.18 -26.92 -17.85
C ARG D 82 -11.73 -25.60 -18.35
N THR D 83 -11.20 -25.16 -19.50
CA THR D 83 -11.77 -24.04 -20.24
C THR D 83 -12.23 -24.54 -21.60
N GLY D 84 -11.75 -25.73 -21.98
CA GLY D 84 -12.06 -26.31 -23.27
C GLY D 84 -11.20 -25.74 -24.39
N GLU D 85 -10.35 -24.78 -24.04
CA GLU D 85 -9.43 -24.18 -25.00
C GLU D 85 -8.07 -24.85 -24.98
N ILE D 86 -7.44 -24.91 -26.15
CA ILE D 86 -6.16 -25.57 -26.35
C ILE D 86 -5.16 -25.20 -25.25
N GLY D 87 -4.67 -26.22 -24.54
CA GLY D 87 -3.67 -26.05 -23.48
C GLY D 87 -4.22 -25.97 -22.07
N ASP D 88 -5.29 -26.71 -21.79
CA ASP D 88 -5.86 -26.78 -20.44
C ASP D 88 -4.99 -27.59 -19.48
N GLY D 89 -4.18 -28.49 -20.03
CA GLY D 89 -3.22 -29.27 -19.24
C GLY D 89 -3.48 -30.76 -19.26
N LYS D 90 -2.66 -31.52 -18.54
CA LYS D 90 -2.78 -32.97 -18.48
C LYS D 90 -2.55 -33.51 -17.07
N ILE D 91 -3.33 -34.52 -16.68
CA ILE D 91 -3.21 -35.13 -15.35
C ILE D 91 -2.40 -36.44 -15.43
N PHE D 92 -1.52 -36.64 -14.46
CA PHE D 92 -0.70 -37.84 -14.40
C PHE D 92 -0.87 -38.57 -13.07
N VAL D 93 -1.08 -39.88 -13.14
CA VAL D 93 -1.29 -40.71 -11.95
C VAL D 93 -0.13 -41.69 -11.78
N SER D 94 0.47 -41.71 -10.58
CA SER D 94 1.55 -42.63 -10.27
C SER D 94 1.34 -43.28 -8.89
N PRO D 95 1.98 -44.45 -8.65
CA PRO D 95 1.90 -45.12 -7.34
C PRO D 95 2.74 -44.46 -6.25
N VAL D 96 2.25 -44.50 -5.00
CA VAL D 96 2.99 -44.02 -3.83
C VAL D 96 3.03 -45.11 -2.75
N ASP D 97 4.23 -45.40 -2.25
CA ASP D 97 4.42 -46.46 -1.28
C ASP D 97 4.15 -46.03 0.16
N GLN D 98 4.67 -44.86 0.53
CA GLN D 98 4.63 -44.42 1.91
C GLN D 98 4.46 -42.91 2.07
N THR D 99 3.75 -42.51 3.13
CA THR D 99 3.44 -41.11 3.41
C THR D 99 3.75 -40.79 4.87
N ILE D 100 4.80 -39.99 5.09
CA ILE D 100 5.26 -39.67 6.42
C ILE D 100 5.04 -38.19 6.76
N ARG D 101 4.27 -37.91 7.80
CA ARG D 101 4.12 -36.54 8.32
C ARG D 101 5.28 -36.23 9.26
N ILE D 102 6.06 -35.20 8.94
CA ILE D 102 7.34 -34.94 9.62
C ILE D 102 7.19 -34.47 11.07
N ARG D 103 6.17 -33.66 11.35
CA ARG D 103 5.98 -33.13 12.70
C ARG D 103 5.58 -34.19 13.72
N THR D 104 4.83 -35.20 13.26
CA THR D 104 4.42 -36.32 14.12
C THR D 104 5.23 -37.59 13.86
N GLY D 105 5.06 -38.16 12.67
CA GLY D 105 5.71 -39.41 12.29
C GLY D 105 4.75 -40.36 11.62
N GLU D 106 3.48 -39.97 11.55
CA GLU D 106 2.41 -40.81 11.01
C GLU D 106 2.74 -41.32 9.60
N LYS D 107 3.20 -42.57 9.56
CA LYS D 107 3.47 -43.26 8.31
C LYS D 107 2.19 -43.89 7.79
N ASN D 108 1.99 -43.82 6.48
CA ASN D 108 0.82 -44.44 5.85
C ASN D 108 1.22 -45.31 4.66
N ALA D 109 0.49 -46.41 4.48
CA ALA D 109 0.84 -47.39 3.45
C ALA D 109 -0.36 -48.27 3.11
N ASP D 110 -1.13 -48.64 4.13
CA ASP D 110 -2.13 -49.68 3.99
C ASP D 110 -1.50 -51.03 3.66
N ALA D 111 -2.32 -52.07 3.64
CA ALA D 111 -3.73 -51.95 3.98
C ALA D 111 -4.01 -52.49 5.37
N MET E 1 14.03 -50.03 -6.62
CA MET E 1 14.61 -48.68 -6.33
C MET E 1 13.48 -47.71 -6.01
N LYS E 2 13.79 -46.70 -5.21
CA LYS E 2 12.75 -45.82 -4.66
C LYS E 2 13.08 -44.31 -4.75
N LYS E 3 12.06 -43.49 -4.88
CA LYS E 3 12.20 -42.04 -4.92
C LYS E 3 11.60 -41.39 -3.68
N ILE E 4 12.47 -40.89 -2.81
CA ILE E 4 12.05 -40.15 -1.64
C ILE E 4 11.86 -38.69 -2.03
N GLU E 5 10.68 -38.16 -1.72
CA GLU E 5 10.39 -36.75 -1.89
C GLU E 5 10.07 -36.15 -0.55
N ALA E 6 10.84 -35.16 -0.14
CA ALA E 6 10.62 -34.49 1.13
C ALA E 6 10.23 -33.04 0.90
N ILE E 7 9.01 -32.69 1.27
CA ILE E 7 8.58 -31.30 1.25
C ILE E 7 8.94 -30.75 2.61
N ILE E 8 9.92 -29.85 2.65
CA ILE E 8 10.48 -29.37 3.91
C ILE E 8 10.48 -27.84 4.04
N ARG E 9 10.45 -27.38 5.29
CA ARG E 9 10.55 -25.96 5.62
C ARG E 9 11.82 -25.39 5.00
N PRO E 10 11.71 -24.26 4.30
CA PRO E 10 12.81 -23.60 3.60
C PRO E 10 14.15 -23.56 4.34
N PHE E 11 14.16 -23.15 5.61
CA PHE E 11 15.43 -22.95 6.32
C PHE E 11 16.19 -24.23 6.60
N LYS E 12 15.45 -25.33 6.74
CA LYS E 12 16.04 -26.61 7.13
C LYS E 12 16.96 -27.24 6.07
N LEU E 13 16.76 -26.90 4.80
CA LEU E 13 17.51 -27.49 3.67
C LEU E 13 18.97 -27.86 3.97
N ASP E 14 19.72 -26.96 4.59
CA ASP E 14 21.12 -27.25 4.94
C ASP E 14 21.29 -28.39 5.92
N GLU E 15 20.48 -28.38 6.98
CA GLU E 15 20.52 -29.41 8.01
C GLU E 15 20.21 -30.80 7.43
N VAL E 16 19.24 -30.84 6.52
CA VAL E 16 18.87 -32.08 5.84
C VAL E 16 20.00 -32.51 4.89
N LYS E 17 20.44 -31.59 4.03
CA LYS E 17 21.50 -31.88 3.07
C LYS E 17 22.68 -32.53 3.77
N ILE E 18 23.22 -31.85 4.77
CA ILE E 18 24.39 -32.36 5.48
C ILE E 18 24.10 -33.74 6.11
N ALA E 19 22.93 -33.90 6.71
CA ALA E 19 22.52 -35.20 7.28
C ALA E 19 22.56 -36.33 6.25
N LEU E 20 22.13 -36.04 5.04
CA LEU E 20 22.10 -37.03 3.97
C LEU E 20 23.50 -37.35 3.41
N VAL E 21 24.32 -36.32 3.25
CA VAL E 21 25.69 -36.50 2.77
C VAL E 21 26.47 -37.30 3.79
N ASN E 22 26.22 -37.03 5.08
CA ASN E 22 26.82 -37.78 6.18
C ASN E 22 26.33 -39.22 6.17
N ALA E 23 25.05 -39.40 5.88
CA ALA E 23 24.46 -40.72 5.68
C ALA E 23 24.93 -41.32 4.35
N GLY E 24 25.68 -40.54 3.57
CA GLY E 24 26.27 -41.02 2.33
C GLY E 24 25.31 -41.07 1.17
N ILE E 25 24.76 -39.92 0.80
CA ILE E 25 23.89 -39.80 -0.37
C ILE E 25 24.56 -38.99 -1.45
N VAL E 26 24.40 -39.43 -2.70
CA VAL E 26 25.11 -38.86 -3.83
C VAL E 26 24.36 -37.73 -4.57
N GLY E 27 23.14 -38.03 -5.05
CA GLY E 27 22.43 -37.12 -5.95
C GLY E 27 21.09 -36.60 -5.50
N MET E 28 21.06 -35.34 -5.05
CA MET E 28 19.81 -34.66 -4.67
C MET E 28 19.44 -33.54 -5.63
N THR E 29 18.15 -33.22 -5.65
CA THR E 29 17.64 -32.04 -6.35
C THR E 29 16.62 -31.30 -5.46
N VAL E 30 16.71 -29.97 -5.44
CA VAL E 30 15.70 -29.15 -4.75
C VAL E 30 14.92 -28.26 -5.70
N SER E 31 13.65 -28.07 -5.39
CA SER E 31 12.81 -27.14 -6.13
C SER E 31 11.97 -26.32 -5.17
N GLU E 32 11.65 -25.09 -5.59
CA GLU E 32 10.85 -24.21 -4.75
C GLU E 32 9.37 -24.48 -4.97
N VAL E 33 8.65 -24.70 -3.87
CA VAL E 33 7.28 -25.16 -3.91
C VAL E 33 6.45 -24.43 -2.87
N ARG E 34 5.18 -24.19 -3.20
CA ARG E 34 4.21 -23.75 -2.20
C ARG E 34 3.35 -24.95 -1.81
N GLY E 35 3.00 -25.06 -0.54
CA GLY E 35 2.21 -26.19 -0.09
C GLY E 35 1.24 -25.86 1.04
N PHE E 36 0.50 -26.89 1.47
CA PHE E 36 -0.33 -26.81 2.67
C PHE E 36 -1.00 -28.14 3.06
N GLY E 37 -1.10 -28.34 4.37
CA GLY E 37 -1.85 -29.44 4.97
C GLY E 37 -2.16 -29.10 6.43
N ARG E 38 -3.44 -28.95 6.75
CA ARG E 38 -3.83 -28.47 8.09
C ARG E 38 -4.97 -29.25 8.76
N GLN E 39 -4.58 -30.20 9.61
CA GLN E 39 -5.50 -30.93 10.49
C GLN E 39 -6.68 -31.62 9.71
N LYS E 40 -7.90 -31.83 10.23
CA LYS E 40 -8.46 -31.56 11.58
C LYS E 40 -8.82 -30.11 11.93
N GLY E 41 -8.71 -29.21 10.95
CA GLY E 41 -8.97 -27.78 11.15
C GLY E 41 -7.95 -27.09 12.05
N GLN E 42 -6.84 -26.65 11.48
CA GLN E 42 -5.81 -25.92 12.22
C GLN E 42 -5.14 -24.81 11.39
N THR E 43 -4.34 -23.98 12.04
CA THR E 43 -3.61 -22.89 11.38
C THR E 43 -2.09 -23.01 11.51
N GLU E 44 -1.39 -22.88 10.39
CA GLU E 44 0.07 -22.90 10.37
C GLU E 44 0.62 -21.49 10.44
N ARG E 45 1.84 -21.34 10.96
CA ARG E 45 2.48 -20.03 11.05
C ARG E 45 3.63 -19.82 10.09
N TYR E 46 3.58 -18.69 9.40
CA TYR E 46 4.49 -18.35 8.31
C TYR E 46 4.69 -16.86 8.29
N ARG E 47 5.96 -16.44 8.37
CA ARG E 47 6.37 -15.03 8.46
C ARG E 47 5.45 -14.24 9.40
N GLY E 48 5.26 -14.74 10.61
CA GLY E 48 4.47 -14.04 11.63
C GLY E 48 2.96 -14.17 11.53
N SER E 49 2.46 -14.60 10.37
CA SER E 49 1.03 -14.63 10.11
C SER E 49 0.42 -16.02 10.19
N GLU E 50 -0.83 -16.09 10.65
CA GLU E 50 -1.58 -17.35 10.72
C GLU E 50 -2.29 -17.62 9.41
N TYR E 51 -2.16 -18.85 8.91
CA TYR E 51 -2.80 -19.25 7.66
C TYR E 51 -3.58 -20.55 7.80
N THR E 52 -4.71 -20.65 7.09
CA THR E 52 -5.58 -21.81 7.18
C THR E 52 -5.44 -22.70 5.96
N VAL E 53 -5.82 -22.17 4.81
CA VAL E 53 -5.98 -22.96 3.59
C VAL E 53 -5.06 -22.52 2.43
N GLU E 54 -4.44 -21.36 2.58
CA GLU E 54 -3.60 -20.77 1.53
C GLU E 54 -2.25 -21.46 1.44
N PHE E 55 -1.65 -21.39 0.25
CA PHE E 55 -0.34 -22.02 0.00
C PHE E 55 0.80 -21.23 0.62
N LEU E 56 1.73 -21.95 1.23
CA LEU E 56 2.92 -21.34 1.84
C LEU E 56 4.21 -21.86 1.21
N GLN E 57 5.27 -21.06 1.26
CA GLN E 57 6.54 -21.41 0.64
C GLN E 57 7.25 -22.56 1.37
N LYS E 58 7.61 -23.59 0.61
CA LYS E 58 8.32 -24.75 1.13
C LYS E 58 9.40 -25.17 0.13
N LEU E 59 9.98 -26.36 0.35
CA LEU E 59 11.01 -26.90 -0.52
C LEU E 59 10.85 -28.40 -0.77
N LYS E 60 10.60 -28.76 -2.02
CA LYS E 60 10.63 -30.16 -2.43
C LYS E 60 12.06 -30.61 -2.66
N LEU E 61 12.40 -31.74 -2.03
CA LEU E 61 13.75 -32.28 -2.03
C LEU E 61 13.70 -33.72 -2.52
N GLU E 62 14.36 -33.98 -3.64
CA GLU E 62 14.26 -35.28 -4.30
C GLU E 62 15.56 -36.06 -4.34
N ILE E 63 15.55 -37.23 -3.74
CA ILE E 63 16.63 -38.20 -3.91
C ILE E 63 16.08 -39.53 -4.39
N VAL E 64 16.94 -40.34 -5.00
CA VAL E 64 16.59 -41.70 -5.37
C VAL E 64 17.51 -42.64 -4.61
N VAL E 65 16.91 -43.61 -3.94
CA VAL E 65 17.62 -44.41 -2.95
C VAL E 65 17.38 -45.91 -3.13
N GLU E 66 18.42 -46.71 -2.87
CA GLU E 66 18.34 -48.17 -2.91
C GLU E 66 17.34 -48.69 -1.87
N ASP E 67 16.51 -49.65 -2.29
CA ASP E 67 15.36 -50.12 -1.51
C ASP E 67 15.58 -50.31 0.00
N ALA E 68 16.76 -50.85 0.36
CA ALA E 68 17.10 -51.15 1.75
C ALA E 68 17.34 -49.91 2.61
N GLN E 69 17.81 -48.84 1.98
CA GLN E 69 18.11 -47.58 2.67
C GLN E 69 16.84 -46.87 3.18
N VAL E 70 15.78 -46.96 2.39
CA VAL E 70 14.52 -46.21 2.62
C VAL E 70 14.18 -45.95 4.09
N ASP E 71 14.09 -47.01 4.88
CA ASP E 71 13.68 -46.92 6.28
C ASP E 71 14.49 -45.93 7.12
N THR E 72 15.80 -46.11 7.16
CA THR E 72 16.67 -45.31 8.03
C THR E 72 17.05 -43.94 7.45
N VAL E 73 16.84 -43.75 6.15
CA VAL E 73 17.11 -42.45 5.54
C VAL E 73 15.92 -41.50 5.71
N ILE E 74 14.72 -42.06 5.85
CA ILE E 74 13.56 -41.28 6.31
C ILE E 74 13.81 -40.86 7.76
N ASP E 75 14.24 -41.82 8.58
CA ASP E 75 14.65 -41.56 9.96
C ASP E 75 15.64 -40.39 10.04
N LYS E 76 16.63 -40.39 9.14
CA LYS E 76 17.64 -39.34 9.10
C LYS E 76 17.05 -37.97 8.69
N ILE E 77 16.13 -37.99 7.72
CA ILE E 77 15.47 -36.77 7.26
C ILE E 77 14.61 -36.17 8.36
N VAL E 78 13.62 -36.92 8.83
CA VAL E 78 12.67 -36.45 9.85
C VAL E 78 13.40 -35.83 11.04
N ALA E 79 14.41 -36.53 11.55
CA ALA E 79 15.22 -36.02 12.65
C ALA E 79 15.74 -34.62 12.34
N ALA E 80 16.36 -34.47 11.17
CA ALA E 80 16.94 -33.19 10.76
C ALA E 80 15.91 -32.10 10.44
N ALA E 81 14.77 -32.50 9.87
CA ALA E 81 13.83 -31.57 9.27
C ALA E 81 12.66 -31.15 10.17
N ARG E 82 12.59 -31.71 11.38
CA ARG E 82 11.47 -31.48 12.29
C ARG E 82 11.68 -30.31 13.24
N THR E 83 10.63 -29.52 13.41
CA THR E 83 10.56 -28.49 14.46
C THR E 83 9.47 -28.84 15.45
N GLY E 84 8.58 -29.74 15.04
CA GLY E 84 7.46 -30.15 15.86
C GLY E 84 6.30 -29.17 15.78
N GLU E 85 6.52 -28.08 15.05
CA GLU E 85 5.49 -27.07 14.84
C GLU E 85 4.71 -27.31 13.56
N ILE E 86 3.43 -26.97 13.59
CA ILE E 86 2.49 -27.20 12.49
C ILE E 86 3.11 -26.75 11.16
N GLY E 87 3.16 -27.70 10.22
CA GLY E 87 3.66 -27.45 8.87
C GLY E 87 5.13 -27.78 8.64
N ASP E 88 5.60 -28.85 9.27
CA ASP E 88 6.97 -29.33 9.08
C ASP E 88 7.16 -30.00 7.73
N GLY E 89 6.06 -30.50 7.17
CA GLY E 89 6.06 -31.08 5.82
C GLY E 89 5.74 -32.56 5.79
N LYS E 90 5.76 -33.13 4.59
CA LYS E 90 5.48 -34.56 4.41
C LYS E 90 6.57 -35.21 3.56
N ILE E 91 6.72 -36.52 3.72
CA ILE E 91 7.62 -37.31 2.88
C ILE E 91 6.82 -38.30 2.03
N PHE E 92 7.17 -38.39 0.76
CA PHE E 92 6.50 -39.28 -0.17
C PHE E 92 7.49 -40.28 -0.81
N VAL E 93 7.12 -41.56 -0.81
CA VAL E 93 7.96 -42.61 -1.37
C VAL E 93 7.30 -43.24 -2.59
N SER E 94 8.03 -43.29 -3.70
CA SER E 94 7.54 -43.89 -4.94
C SER E 94 8.60 -44.80 -5.58
N PRO E 95 8.18 -45.76 -6.42
CA PRO E 95 9.13 -46.65 -7.12
C PRO E 95 9.87 -45.99 -8.28
N VAL E 96 11.12 -46.41 -8.49
CA VAL E 96 11.95 -45.96 -9.61
C VAL E 96 12.49 -47.18 -10.36
N ASP E 97 12.32 -47.18 -11.68
CA ASP E 97 12.74 -48.30 -12.52
C ASP E 97 14.21 -48.22 -12.93
N GLN E 98 14.64 -47.03 -13.36
CA GLN E 98 15.97 -46.89 -13.96
C GLN E 98 16.65 -45.55 -13.64
N THR E 99 17.96 -45.58 -13.50
CA THR E 99 18.76 -44.41 -13.15
C THR E 99 19.95 -44.27 -14.09
N ILE E 100 19.90 -43.29 -14.96
CA ILE E 100 20.94 -43.08 -15.97
C ILE E 100 21.74 -41.80 -15.68
N ARG E 101 23.04 -41.96 -15.41
CA ARG E 101 23.96 -40.83 -15.45
C ARG E 101 24.12 -40.42 -16.91
N ILE E 102 24.07 -39.12 -17.18
CA ILE E 102 24.12 -38.65 -18.57
C ILE E 102 25.55 -38.50 -19.04
N ARG E 103 26.44 -38.13 -18.12
CA ARG E 103 27.83 -37.89 -18.46
C ARG E 103 28.59 -39.15 -18.85
N THR E 104 28.22 -40.28 -18.24
CA THR E 104 28.82 -41.59 -18.53
C THR E 104 27.86 -42.50 -19.30
N GLY E 105 26.76 -42.87 -18.65
CA GLY E 105 25.78 -43.77 -19.23
C GLY E 105 25.33 -44.81 -18.23
N GLU E 106 25.93 -44.78 -17.04
CA GLU E 106 25.70 -45.78 -16.00
C GLU E 106 24.23 -45.94 -15.58
N LYS E 107 23.65 -47.09 -15.90
CA LYS E 107 22.26 -47.42 -15.51
C LYS E 107 22.24 -48.30 -14.26
N ASN E 108 21.31 -48.02 -13.35
CA ASN E 108 21.21 -48.76 -12.09
C ASN E 108 19.91 -49.53 -11.94
N MET F 1 18.82 55.80 -15.99
CA MET F 1 18.14 54.47 -16.04
C MET F 1 18.51 53.66 -14.79
N LYS F 2 17.60 52.79 -14.35
CA LYS F 2 17.74 52.11 -13.06
C LYS F 2 17.45 50.60 -13.11
N LYS F 3 18.14 49.85 -12.25
CA LYS F 3 17.95 48.41 -12.14
C LYS F 3 17.29 48.04 -10.82
N ILE F 4 16.03 47.64 -10.90
CA ILE F 4 15.30 47.15 -9.74
C ILE F 4 15.60 45.68 -9.55
N GLU F 5 16.04 45.32 -8.35
CA GLU F 5 16.24 43.91 -7.97
C GLU F 5 15.32 43.59 -6.82
N ALA F 6 14.44 42.62 -7.02
CA ALA F 6 13.53 42.21 -5.98
C ALA F 6 13.82 40.77 -5.55
N ILE F 7 14.25 40.59 -4.31
CA ILE F 7 14.42 39.27 -3.73
C ILE F 7 13.09 38.92 -3.10
N ILE F 8 12.36 37.99 -3.72
CA ILE F 8 10.99 37.69 -3.32
C ILE F 8 10.74 36.21 -2.98
N ARG F 9 9.69 36.00 -2.17
CA ARG F 9 9.19 34.69 -1.81
C ARG F 9 8.88 33.86 -3.05
N PRO F 10 9.47 32.64 -3.15
CA PRO F 10 9.32 31.76 -4.31
C PRO F 10 7.91 31.70 -4.91
N PHE F 11 6.88 31.55 -4.09
CA PHE F 11 5.52 31.37 -4.61
C PHE F 11 4.94 32.61 -5.28
N LYS F 12 5.39 33.78 -4.82
CA LYS F 12 4.84 35.04 -5.28
C LYS F 12 5.14 35.40 -6.74
N LEU F 13 6.23 34.85 -7.28
CA LEU F 13 6.71 35.17 -8.64
C LEU F 13 5.61 35.47 -9.68
N ASP F 14 4.59 34.62 -9.74
CA ASP F 14 3.48 34.82 -10.67
C ASP F 14 2.70 36.11 -10.42
N GLU F 15 2.35 36.36 -9.16
CA GLU F 15 1.61 37.56 -8.76
C GLU F 15 2.37 38.83 -9.11
N VAL F 16 3.68 38.80 -8.90
CA VAL F 16 4.56 39.92 -9.24
C VAL F 16 4.66 40.10 -10.75
N LYS F 17 4.98 39.01 -11.45
CA LYS F 17 5.12 39.03 -12.91
C LYS F 17 3.86 39.65 -13.52
N ILE F 18 2.71 39.07 -13.21
CA ILE F 18 1.40 39.61 -13.56
C ILE F 18 1.37 41.12 -13.36
N ALA F 19 1.59 41.55 -12.12
CA ALA F 19 1.47 42.95 -11.74
C ALA F 19 2.35 43.86 -12.60
N LEU F 20 3.54 43.38 -12.96
CA LEU F 20 4.48 44.17 -13.75
C LEU F 20 4.10 44.26 -15.21
N VAL F 21 3.65 43.16 -15.79
CA VAL F 21 3.18 43.13 -17.18
C VAL F 21 1.95 44.03 -17.33
N ASN F 22 1.06 43.99 -16.32
CA ASN F 22 -0.10 44.88 -16.28
C ASN F 22 0.33 46.34 -16.16
N ALA F 23 1.36 46.57 -15.35
CA ALA F 23 1.99 47.89 -15.25
C ALA F 23 2.81 48.20 -16.50
N GLY F 24 2.90 47.23 -17.41
CA GLY F 24 3.55 47.43 -18.69
C GLY F 24 5.06 47.38 -18.64
N ILE F 25 5.59 46.22 -18.23
CA ILE F 25 7.03 45.99 -18.23
C ILE F 25 7.38 44.92 -19.28
N VAL F 26 8.43 45.18 -20.05
CA VAL F 26 8.76 44.36 -21.23
C VAL F 26 9.85 43.27 -21.03
N GLY F 27 10.97 43.64 -20.39
CA GLY F 27 12.10 42.72 -20.15
C GLY F 27 12.34 42.40 -18.69
N MET F 28 12.65 41.14 -18.39
CA MET F 28 12.65 40.63 -17.01
C MET F 28 13.42 39.31 -16.86
N THR F 29 14.11 39.13 -15.74
CA THR F 29 14.88 37.91 -15.47
C THR F 29 14.74 37.42 -14.02
N VAL F 30 14.57 36.11 -13.84
CA VAL F 30 14.57 35.50 -12.51
C VAL F 30 15.72 34.53 -12.30
N SER F 31 16.24 34.50 -11.08
CA SER F 31 17.27 33.54 -10.69
C SER F 31 16.95 32.96 -9.32
N GLU F 32 17.38 31.73 -9.09
CA GLU F 32 17.13 31.07 -7.82
C GLU F 32 18.22 31.42 -6.83
N VAL F 33 17.80 31.90 -5.66
CA VAL F 33 18.72 32.47 -4.69
C VAL F 33 18.37 31.99 -3.28
N ARG F 34 19.38 31.82 -2.44
CA ARG F 34 19.13 31.65 -1.01
C ARG F 34 19.46 32.97 -0.34
N GLY F 35 18.69 33.34 0.67
CA GLY F 35 18.94 34.59 1.39
C GLY F 35 18.62 34.56 2.87
N PHE F 36 18.86 35.69 3.55
CA PHE F 36 18.38 35.93 4.92
C PHE F 36 18.60 37.36 5.40
N GLY F 37 17.61 37.90 6.12
CA GLY F 37 17.70 39.23 6.73
C GLY F 37 17.30 39.25 8.21
N ARG F 38 18.26 38.96 9.09
CA ARG F 38 18.01 38.79 10.53
C ARG F 38 17.15 39.89 11.16
N GLN F 39 15.87 39.59 11.35
CA GLN F 39 14.93 40.54 11.93
C GLN F 39 15.07 40.60 13.45
N LYS F 40 16.03 41.41 13.91
CA LYS F 40 16.28 41.69 15.34
C LYS F 40 16.26 40.46 16.27
N GLY F 41 17.03 39.44 15.87
CA GLY F 41 17.11 38.19 16.62
C GLY F 41 15.97 37.21 16.38
N GLN F 42 14.91 37.69 15.72
CA GLN F 42 13.74 36.85 15.44
C GLN F 42 13.99 35.85 14.31
N THR F 43 13.09 34.86 14.25
CA THR F 43 13.21 33.72 13.35
C THR F 43 12.26 33.86 12.19
N GLU F 44 12.68 33.36 11.03
CA GLU F 44 11.86 33.32 9.83
C GLU F 44 11.43 31.88 9.60
N ARG F 45 10.18 31.67 9.17
CA ARG F 45 9.70 30.33 8.86
C ARG F 45 9.91 29.94 7.39
N TYR F 46 10.15 28.65 7.17
CA TYR F 46 10.40 28.09 5.84
C TYR F 46 10.14 26.60 5.90
N ARG F 47 9.15 26.16 5.12
CA ARG F 47 8.65 24.78 5.12
C ARG F 47 8.45 24.23 6.54
N GLY F 48 7.68 24.97 7.34
CA GLY F 48 7.32 24.52 8.69
C GLY F 48 8.33 24.77 9.80
N SER F 49 9.58 25.02 9.44
CA SER F 49 10.66 25.14 10.42
C SER F 49 11.08 26.58 10.69
N GLU F 50 11.49 26.84 11.93
CA GLU F 50 12.01 28.16 12.34
C GLU F 50 13.51 28.27 12.09
N TYR F 51 13.92 29.36 11.44
CA TYR F 51 15.32 29.57 11.13
C TYR F 51 15.80 30.94 11.61
N THR F 52 17.05 31.01 12.04
CA THR F 52 17.62 32.24 12.57
C THR F 52 18.56 32.89 11.57
N VAL F 53 19.66 32.21 11.28
CA VAL F 53 20.78 32.80 10.56
C VAL F 53 21.08 32.09 9.23
N GLU F 54 20.50 30.91 9.05
CA GLU F 54 20.75 30.08 7.87
C GLU F 54 20.06 30.65 6.63
N PHE F 55 20.62 30.32 5.45
CA PHE F 55 20.06 30.75 4.17
C PHE F 55 18.80 29.98 3.78
N LEU F 56 17.81 30.70 3.29
CA LEU F 56 16.56 30.09 2.83
C LEU F 56 16.31 30.39 1.36
N GLN F 57 15.55 29.52 0.69
CA GLN F 57 15.30 29.64 -0.74
C GLN F 57 14.39 30.83 -1.08
N LYS F 58 14.85 31.68 -1.99
CA LYS F 58 14.13 32.86 -2.44
C LYS F 58 14.27 33.01 -3.95
N LEU F 59 13.87 34.16 -4.48
CA LEU F 59 13.95 34.43 -5.91
C LEU F 59 14.36 35.86 -6.19
N LYS F 60 15.54 36.02 -6.81
CA LYS F 60 15.96 37.33 -7.31
C LYS F 60 15.29 37.62 -8.64
N LEU F 61 14.68 38.80 -8.73
CA LEU F 61 13.91 39.21 -9.89
C LEU F 61 14.44 40.54 -10.39
N GLU F 62 14.94 40.54 -11.62
CA GLU F 62 15.64 41.70 -12.18
C GLU F 62 14.93 42.35 -13.36
N ILE F 63 14.59 43.62 -13.19
CA ILE F 63 14.07 44.45 -14.27
C ILE F 63 14.87 45.73 -14.38
N VAL F 64 14.96 46.28 -15.58
CA VAL F 64 15.57 47.59 -15.79
C VAL F 64 14.50 48.58 -16.23
N VAL F 65 14.42 49.71 -15.53
CA VAL F 65 13.28 50.61 -15.63
C VAL F 65 13.69 52.08 -15.80
N GLU F 66 12.93 52.81 -16.61
CA GLU F 66 13.14 54.24 -16.83
C GLU F 66 12.95 55.03 -15.53
N ASP F 67 13.88 55.96 -15.29
CA ASP F 67 14.02 56.67 -14.01
C ASP F 67 12.72 57.09 -13.33
N ALA F 68 11.76 57.56 -14.14
CA ALA F 68 10.49 58.08 -13.63
C ALA F 68 9.56 56.98 -13.09
N GLN F 69 9.70 55.76 -13.61
CA GLN F 69 8.82 54.65 -13.25
C GLN F 69 9.17 54.02 -11.89
N VAL F 70 10.42 54.20 -11.47
CA VAL F 70 10.96 53.59 -10.22
C VAL F 70 9.98 53.62 -9.03
N ASP F 71 9.51 54.82 -8.68
CA ASP F 71 8.65 55.02 -7.50
C ASP F 71 7.41 54.13 -7.46
N THR F 72 6.58 54.20 -8.51
CA THR F 72 5.31 53.49 -8.54
C THR F 72 5.44 52.04 -8.97
N VAL F 73 6.60 51.70 -9.55
CA VAL F 73 6.91 50.31 -9.88
C VAL F 73 7.24 49.50 -8.62
N ILE F 74 7.98 50.10 -7.69
CA ILE F 74 8.23 49.53 -6.39
C ILE F 74 6.91 49.35 -5.64
N ASP F 75 6.06 50.38 -5.68
CA ASP F 75 4.72 50.32 -5.12
C ASP F 75 3.94 49.10 -5.64
N LYS F 76 4.05 48.83 -6.93
CA LYS F 76 3.36 47.69 -7.56
C LYS F 76 3.95 46.34 -7.12
N ILE F 77 5.27 46.28 -6.98
CA ILE F 77 5.94 45.08 -6.54
C ILE F 77 5.55 44.76 -5.10
N VAL F 78 5.85 45.68 -4.18
CA VAL F 78 5.59 45.47 -2.75
C VAL F 78 4.15 45.02 -2.49
N ALA F 79 3.20 45.69 -3.13
CA ALA F 79 1.79 45.32 -3.01
C ALA F 79 1.59 43.85 -3.37
N ALA F 80 2.12 43.44 -4.50
CA ALA F 80 1.96 42.07 -5.00
C ALA F 80 2.76 41.04 -4.19
N ALA F 81 3.94 41.43 -3.71
CA ALA F 81 4.90 40.49 -3.12
C ALA F 81 4.85 40.36 -1.60
N ARG F 82 3.97 41.11 -0.95
CA ARG F 82 3.93 41.17 0.52
C ARG F 82 2.98 40.17 1.15
N THR F 83 3.45 39.48 2.18
CA THR F 83 2.59 38.67 3.04
C THR F 83 2.52 39.29 4.43
N GLY F 84 3.47 40.18 4.71
CA GLY F 84 3.55 40.83 6.00
C GLY F 84 4.22 39.95 7.03
N GLU F 85 4.56 38.72 6.63
CA GLU F 85 5.27 37.79 7.50
C GLU F 85 6.79 37.87 7.32
N ILE F 86 7.50 37.65 8.42
CA ILE F 86 8.96 37.76 8.45
C ILE F 86 9.63 37.04 7.27
N GLY F 87 10.37 37.80 6.48
CA GLY F 87 11.11 37.27 5.34
C GLY F 87 10.42 37.44 3.99
N ASP F 88 9.72 38.55 3.81
CA ASP F 88 9.05 38.86 2.53
C ASP F 88 10.06 39.26 1.46
N GLY F 89 11.22 39.77 1.89
CA GLY F 89 12.31 40.09 0.99
C GLY F 89 12.67 41.57 0.96
N LYS F 90 13.64 41.89 0.11
CA LYS F 90 14.16 43.25 -0.03
C LYS F 90 14.24 43.68 -1.48
N ILE F 91 14.04 44.97 -1.73
CA ILE F 91 14.21 45.55 -3.06
C ILE F 91 15.46 46.44 -3.10
N PHE F 92 16.25 46.28 -4.17
CA PHE F 92 17.47 47.06 -4.34
C PHE F 92 17.44 47.81 -5.66
N VAL F 93 17.79 49.09 -5.61
CA VAL F 93 17.81 49.95 -6.79
C VAL F 93 19.24 50.41 -7.10
N SER F 94 19.66 50.21 -8.35
CA SER F 94 20.99 50.64 -8.81
C SER F 94 20.91 51.33 -10.17
N PRO F 95 21.91 52.16 -10.51
CA PRO F 95 21.96 52.82 -11.82
C PRO F 95 22.35 51.90 -12.99
N VAL F 96 21.78 52.16 -14.17
CA VAL F 96 22.12 51.45 -15.40
C VAL F 96 22.47 52.46 -16.51
N ASP F 97 23.62 52.26 -17.13
CA ASP F 97 24.12 53.17 -18.16
C ASP F 97 23.54 52.89 -19.54
N GLN F 98 23.50 51.61 -19.93
CA GLN F 98 23.14 51.26 -21.31
C GLN F 98 22.37 49.95 -21.40
N THR F 99 21.45 49.90 -22.37
CA THR F 99 20.59 48.73 -22.58
C THR F 99 20.58 48.35 -24.05
N ILE F 100 21.21 47.21 -24.35
CA ILE F 100 21.35 46.74 -25.73
C ILE F 100 20.54 45.48 -25.99
N ARG F 101 19.61 45.55 -26.95
CA ARG F 101 18.94 44.36 -27.47
C ARG F 101 19.90 43.64 -28.40
N ILE F 102 20.06 42.34 -28.22
CA ILE F 102 21.03 41.56 -28.99
C ILE F 102 20.51 41.23 -30.39
N ARG F 103 19.23 40.89 -30.49
CA ARG F 103 18.60 40.55 -31.77
C ARG F 103 18.64 41.69 -32.80
N THR F 104 18.44 42.92 -32.33
CA THR F 104 18.44 44.11 -33.19
C THR F 104 19.70 44.95 -33.04
N GLY F 105 19.89 45.53 -31.86
CA GLY F 105 21.02 46.42 -31.59
C GLY F 105 20.60 47.66 -30.85
N GLU F 106 19.30 47.80 -30.61
CA GLU F 106 18.71 49.00 -29.99
C GLU F 106 19.35 49.31 -28.63
N LYS F 107 20.25 50.29 -28.65
CA LYS F 107 20.96 50.73 -27.46
C LYS F 107 20.17 51.83 -26.74
N ASN F 108 20.47 52.04 -25.46
CA ASN F 108 19.86 53.12 -24.68
C ASN F 108 20.88 53.76 -23.72
N ALA F 109 21.71 54.65 -24.27
CA ALA F 109 22.77 55.32 -23.52
C ALA F 109 22.24 56.55 -22.79
CA NLG G . -4.42 21.28 22.59
C NLG G . -5.20 20.95 23.85
OXT NLG G . -4.59 20.37 24.77
O NLG G . -6.41 21.29 23.86
CB NLG G . -4.05 19.98 21.87
CG NLG G . -4.39 20.03 20.38
CD NLG G . -5.72 20.73 20.08
OE1 NLG G . -5.65 21.96 19.90
OE2 NLG G . -6.77 20.04 20.01
C7 NLG G . -3.24 23.29 23.36
C8 NLG G . -2.03 23.89 23.71
O7 NLG G . -4.27 23.97 23.41
N2 NLG G . -3.20 22.02 22.98
CA NLG H . 0.76 -7.51 29.23
C NLG H . 0.21 -6.65 30.38
OXT NLG H . -0.91 -6.13 30.20
O NLG H . 0.91 -6.54 31.43
CB NLG H . 1.39 -6.64 28.14
CG NLG H . 2.69 -7.27 27.61
CD NLG H . 3.91 -6.66 28.30
OE1 NLG H . 4.99 -7.28 28.21
OE2 NLG H . 3.74 -5.57 28.91
C7 NLG H . -0.38 -9.59 28.74
C8 NLG H . -1.45 -10.24 28.12
O7 NLG H . 0.44 -10.27 29.38
N2 NLG H . -0.32 -8.28 28.63
#